data_3IV6
#
_entry.id   3IV6
#
_cell.length_a   179.883
_cell.length_b   179.883
_cell.length_c   83.826
_cell.angle_alpha   90.00
_cell.angle_beta   90.00
_cell.angle_gamma   90.00
#
_symmetry.space_group_name_H-M   'P 41 21 2'
#
loop_
_entity.id
_entity.type
_entity.pdbx_description
1 polymer 'Putative Zn-dependent Alcohol Dehydrogenase'
2 non-polymer S-ADENOSYLMETHIONINE
3 non-polymer 'CHLORIDE ION'
4 water water
#
_entity_poly.entity_id   1
_entity_poly.type   'polypeptide(L)'
_entity_poly.pdbx_seq_one_letter_code
;SNA(MSE)TITNSKAEAWELIGNQFWTIGRVAARPSDRENDIFLENIVPGSTVAVIGASTRFLIEKALERGASVTVFDFS
QR(MSE)CDDLAEALADRCVTIDLLDITAEIPKELAGHFDFVLNDRLINRFTTEEARRACLG(MSE)LSLVGSGTVRASV
KLGFYDIDLKLIEYGEQSGTLAKFFDPSDKTFHFREAGDVLDRALVPHGLIDKPTLLEWYRRRGKETRFDDEDVRALLSH
DVVNARGYVTLEKAVELPDAPNT(MSE)LYQFSRRAG
;
_entity_poly.pdbx_strand_id   A,B,C,D
#
loop_
_chem_comp.id
_chem_comp.type
_chem_comp.name
_chem_comp.formula
CL non-polymer 'CHLORIDE ION' 'Cl -1'
SAM non-polymer S-ADENOSYLMETHIONINE 'C15 H22 N6 O5 S'
#
# COMPACT_ATOMS: atom_id res chain seq x y z
N ALA A 3 8.47 12.63 -23.49
CA ALA A 3 7.07 12.57 -23.06
C ALA A 3 6.76 11.38 -22.16
N MSE A 4 7.76 10.96 -21.38
CA MSE A 4 7.56 10.01 -20.29
C MSE A 4 7.28 10.81 -19.04
O MSE A 4 7.04 10.27 -17.96
CB MSE A 4 8.83 9.22 -20.05
CG MSE A 4 9.86 10.08 -19.35
SE MSE A 4 11.37 9.03 -18.78
CE MSE A 4 11.97 8.32 -20.51
N THR A 5 7.35 12.13 -19.20
CA THR A 5 6.97 13.09 -18.18
C THR A 5 5.43 13.16 -18.05
N ILE A 6 4.73 12.47 -18.97
CA ILE A 6 3.28 12.34 -18.93
C ILE A 6 2.89 11.23 -17.94
N THR A 7 3.63 10.12 -17.99
CA THR A 7 3.47 9.01 -17.07
C THR A 7 4.08 9.27 -15.66
N ASN A 8 5.09 10.14 -15.61
CA ASN A 8 5.77 10.51 -14.38
C ASN A 8 6.08 11.99 -14.23
N SER A 9 5.14 12.72 -13.66
CA SER A 9 5.27 14.16 -13.51
C SER A 9 6.32 14.59 -12.50
N LYS A 10 6.91 13.62 -11.79
CA LYS A 10 7.99 13.95 -10.86
C LYS A 10 9.20 14.47 -11.63
N ALA A 11 9.40 13.99 -12.86
CA ALA A 11 10.53 14.48 -13.63
C ALA A 11 10.49 16.01 -13.76
N GLU A 12 9.29 16.59 -13.80
CA GLU A 12 9.14 18.06 -13.80
C GLU A 12 9.87 18.73 -12.62
N ALA A 13 9.90 18.06 -11.47
CA ALA A 13 10.58 18.62 -10.32
C ALA A 13 12.08 18.80 -10.60
N TRP A 14 12.64 18.00 -11.47
CA TRP A 14 14.09 18.09 -11.61
C TRP A 14 14.57 18.95 -12.81
N GLU A 15 13.65 19.26 -13.71
CA GLU A 15 13.80 20.31 -14.70
C GLU A 15 14.08 21.65 -14.03
N LEU A 16 13.53 21.80 -12.83
CA LEU A 16 13.72 22.98 -12.00
C LEU A 16 15.12 23.14 -11.43
N ILE A 17 15.80 22.01 -11.19
CA ILE A 17 17.01 22.01 -10.40
C ILE A 17 18.28 21.93 -11.25
N GLY A 18 18.39 20.90 -12.05
CA GLY A 18 19.60 20.74 -12.84
C GLY A 18 20.86 20.79 -11.99
N ASN A 19 21.96 21.16 -12.62
CA ASN A 19 23.22 21.24 -11.92
C ASN A 19 23.24 21.98 -10.57
N GLN A 20 22.19 22.73 -10.25
CA GLN A 20 22.17 23.41 -8.96
C GLN A 20 22.30 22.42 -7.81
N PHE A 21 21.81 21.21 -8.02
CA PHE A 21 21.85 20.22 -6.97
C PHE A 21 23.25 19.92 -6.43
N TRP A 22 24.24 19.85 -7.32
CA TRP A 22 25.58 19.58 -6.84
C TRP A 22 26.51 20.80 -6.82
N THR A 23 25.99 21.97 -7.18
CA THR A 23 26.81 23.17 -7.22
C THR A 23 26.49 24.07 -6.04
N ILE A 24 25.22 24.11 -5.67
CA ILE A 24 24.82 24.99 -4.60
C ILE A 24 23.85 24.29 -3.67
N GLY A 25 23.52 23.04 -3.99
CA GLY A 25 22.71 22.22 -3.11
C GLY A 25 23.31 21.90 -1.74
N ARG A 26 22.48 21.42 -0.81
CA ARG A 26 22.98 21.00 0.52
C ARG A 26 24.11 19.98 0.36
N VAL A 27 25.27 20.28 0.95
CA VAL A 27 26.44 19.46 0.73
C VAL A 27 26.17 18.01 1.19
N ALA A 28 25.45 17.86 2.31
CA ALA A 28 25.22 16.51 2.88
C ALA A 28 24.16 15.72 2.12
N ALA A 29 23.63 16.28 1.05
CA ALA A 29 22.55 15.62 0.36
C ALA A 29 23.14 14.75 -0.76
N ARG A 30 24.45 14.82 -0.92
CA ARG A 30 25.14 13.92 -1.84
C ARG A 30 26.18 13.13 -1.08
N PRO A 31 26.66 12.02 -1.67
CA PRO A 31 27.71 11.32 -0.91
C PRO A 31 28.95 12.15 -0.73
N SER A 32 29.60 12.03 0.42
CA SER A 32 30.98 12.56 0.60
C SER A 32 32.07 11.79 -0.21
N ASP A 33 33.30 12.28 -0.17
CA ASP A 33 34.38 11.50 -0.80
C ASP A 33 34.41 10.05 -0.27
N ARG A 34 34.47 9.89 1.05
CA ARG A 34 34.53 8.58 1.63
C ARG A 34 33.44 7.65 1.14
N GLU A 35 32.25 8.24 1.04
CA GLU A 35 31.05 7.47 0.68
C GLU A 35 31.04 7.09 -0.82
N ASN A 36 31.52 7.97 -1.68
CA ASN A 36 31.75 7.63 -3.07
C ASN A 36 32.61 6.35 -3.13
N ASP A 37 33.70 6.34 -2.36
CA ASP A 37 34.57 5.18 -2.23
C ASP A 37 33.86 3.90 -1.75
N ILE A 38 33.02 4.00 -0.74
CA ILE A 38 32.30 2.83 -0.26
C ILE A 38 31.34 2.26 -1.31
N PHE A 39 30.72 3.14 -2.09
CA PHE A 39 29.80 2.79 -3.17
C PHE A 39 30.54 1.99 -4.23
N LEU A 40 31.86 2.10 -4.23
CA LEU A 40 32.66 1.65 -5.35
C LEU A 40 33.62 0.54 -5.01
N GLU A 41 33.59 0.09 -3.77
CA GLU A 41 34.53 -0.94 -3.34
C GLU A 41 34.39 -2.23 -4.11
N ASN A 42 35.52 -2.81 -4.49
CA ASN A 42 35.53 -4.09 -5.18
C ASN A 42 35.02 -3.94 -6.58
N ILE A 43 34.77 -2.70 -7.01
CA ILE A 43 34.50 -2.41 -8.41
C ILE A 43 35.81 -2.04 -9.10
N VAL A 44 36.09 -2.71 -10.22
CA VAL A 44 37.45 -2.71 -10.79
C VAL A 44 37.41 -2.21 -12.22
N PRO A 45 38.57 -1.79 -12.76
CA PRO A 45 38.48 -1.27 -14.14
C PRO A 45 37.88 -2.30 -15.11
N GLY A 46 36.99 -1.86 -15.97
CA GLY A 46 36.39 -2.80 -16.89
C GLY A 46 35.00 -3.21 -16.50
N SER A 47 34.66 -2.99 -15.23
CA SER A 47 33.34 -3.35 -14.72
C SER A 47 32.29 -2.51 -15.40
N THR A 48 31.11 -3.09 -15.69
CA THR A 48 29.97 -2.28 -16.11
C THR A 48 29.10 -1.81 -14.94
N VAL A 49 28.97 -0.49 -14.83
CA VAL A 49 28.28 0.15 -13.71
C VAL A 49 27.16 1.04 -14.22
N ALA A 50 25.97 0.90 -13.66
CA ALA A 50 24.87 1.82 -13.95
C ALA A 50 24.63 2.67 -12.73
N VAL A 51 24.71 3.99 -12.88
CA VAL A 51 24.23 4.91 -11.86
C VAL A 51 22.84 5.45 -12.21
N ILE A 52 21.87 5.17 -11.34
CA ILE A 52 20.58 5.82 -11.40
C ILE A 52 20.59 7.15 -10.65
N GLY A 53 20.30 8.23 -11.36
CA GLY A 53 20.37 9.57 -10.79
C GLY A 53 21.53 10.37 -11.35
N ALA A 54 21.26 11.12 -12.41
CA ALA A 54 22.30 11.91 -13.06
C ALA A 54 22.75 13.06 -12.16
N SER A 55 22.11 13.19 -11.00
CA SER A 55 22.43 14.26 -10.06
C SER A 55 23.70 13.95 -9.27
N THR A 56 24.03 12.66 -9.17
CA THR A 56 25.19 12.22 -8.40
C THR A 56 26.50 12.33 -9.20
N ARG A 57 26.81 13.58 -9.52
CA ARG A 57 27.90 13.91 -10.42
C ARG A 57 29.30 13.49 -9.96
N PHE A 58 29.56 13.49 -8.66
CA PHE A 58 30.92 13.19 -8.18
C PHE A 58 31.12 11.70 -8.01
N LEU A 59 30.06 11.00 -7.59
CA LEU A 59 30.07 9.55 -7.62
C LEU A 59 30.30 9.02 -9.04
N ILE A 60 29.61 9.59 -10.01
CA ILE A 60 29.78 9.14 -11.37
C ILE A 60 31.22 9.37 -11.81
N GLU A 61 31.81 10.47 -11.38
CA GLU A 61 33.15 10.85 -11.85
C GLU A 61 34.25 9.97 -11.24
N LYS A 62 34.08 9.52 -9.99
CA LYS A 62 35.00 8.56 -9.39
C LYS A 62 34.87 7.18 -10.05
N ALA A 63 33.65 6.83 -10.44
CA ALA A 63 33.40 5.60 -11.19
C ALA A 63 34.18 5.57 -12.47
N LEU A 64 34.14 6.66 -13.23
CA LEU A 64 34.87 6.72 -14.49
C LEU A 64 36.38 6.70 -14.22
N GLU A 65 36.83 7.42 -13.19
CA GLU A 65 38.25 7.48 -12.89
C GLU A 65 38.83 6.09 -12.48
N ARG A 66 38.01 5.30 -11.79
CA ARG A 66 38.28 3.93 -11.40
C ARG A 66 38.46 2.97 -12.59
N GLY A 67 37.97 3.35 -13.76
CA GLY A 67 38.11 2.55 -14.97
C GLY A 67 36.87 1.75 -15.38
N ALA A 68 35.74 2.03 -14.74
CA ALA A 68 34.51 1.30 -14.99
C ALA A 68 33.88 1.91 -16.20
N SER A 69 33.07 1.11 -16.90
CA SER A 69 32.28 1.53 -18.05
C SER A 69 30.92 1.92 -17.53
N VAL A 70 30.71 3.23 -17.39
CA VAL A 70 29.53 3.80 -16.72
C VAL A 70 28.43 4.28 -17.64
N THR A 71 27.22 3.88 -17.32
CA THR A 71 26.02 4.37 -17.97
C THR A 71 25.21 5.07 -16.88
N VAL A 72 24.71 6.27 -17.14
CA VAL A 72 23.83 6.95 -16.19
C VAL A 72 22.41 6.96 -16.69
N PHE A 73 21.46 6.68 -15.81
CA PHE A 73 20.03 6.73 -16.10
C PHE A 73 19.37 7.82 -15.27
N ASP A 74 18.49 8.57 -15.90
CA ASP A 74 17.74 9.61 -15.19
C ASP A 74 16.45 9.91 -15.95
N PHE A 75 15.39 10.25 -15.21
CA PHE A 75 14.11 10.50 -15.86
C PHE A 75 13.86 11.96 -16.24
N SER A 76 14.88 12.78 -16.13
CA SER A 76 14.81 14.22 -16.40
C SER A 76 15.77 14.69 -17.49
N GLN A 77 15.28 15.44 -18.46
CA GLN A 77 16.15 15.81 -19.57
C GLN A 77 17.23 16.82 -19.17
N ARG A 78 16.89 17.75 -18.28
CA ARG A 78 17.83 18.79 -17.89
C ARG A 78 18.99 18.20 -17.09
N MSE A 79 18.64 17.25 -16.23
CA MSE A 79 19.62 16.52 -15.43
C MSE A 79 20.63 15.83 -16.31
O MSE A 79 21.82 16.08 -16.17
CB MSE A 79 18.93 15.57 -14.47
CG MSE A 79 18.48 16.29 -13.22
SE MSE A 79 20.01 17.07 -12.21
CE MSE A 79 18.94 17.66 -10.67
N CYS A 80 20.15 15.03 -17.25
CA CYS A 80 21.04 14.45 -18.27
C CYS A 80 21.89 15.49 -18.98
N ASP A 81 21.29 16.63 -19.29
CA ASP A 81 21.96 17.59 -20.17
C ASP A 81 23.07 18.31 -19.42
N ASP A 82 22.77 18.75 -18.21
CA ASP A 82 23.73 19.44 -17.34
C ASP A 82 24.88 18.52 -16.93
N LEU A 83 24.56 17.24 -16.79
CA LEU A 83 25.55 16.23 -16.43
C LEU A 83 26.49 16.01 -17.62
N ALA A 84 25.91 15.81 -18.80
CA ALA A 84 26.68 15.66 -20.04
C ALA A 84 27.54 16.88 -20.31
N GLU A 85 27.09 18.04 -19.86
CA GLU A 85 27.92 19.23 -19.98
C GLU A 85 29.16 19.19 -19.06
N ALA A 86 28.94 18.92 -17.78
CA ALA A 86 30.00 18.77 -16.80
C ALA A 86 31.00 17.65 -17.12
N LEU A 87 30.61 16.71 -17.97
CA LEU A 87 31.50 15.59 -18.34
C LEU A 87 31.74 15.51 -19.85
N ALA A 88 31.93 16.65 -20.49
CA ALA A 88 31.91 16.65 -21.95
C ALA A 88 33.18 16.01 -22.51
N ASP A 89 34.22 16.03 -21.71
CA ASP A 89 35.49 15.47 -22.13
C ASP A 89 35.59 13.98 -21.85
N ARG A 90 34.79 13.50 -20.89
CA ARG A 90 34.81 12.07 -20.54
C ARG A 90 33.98 11.19 -21.46
N CYS A 91 34.32 9.91 -21.49
CA CYS A 91 33.56 8.92 -22.24
C CYS A 91 32.55 8.18 -21.32
N VAL A 92 31.28 8.50 -21.49
CA VAL A 92 30.25 7.99 -20.61
C VAL A 92 28.93 8.06 -21.35
N THR A 93 28.05 7.11 -21.05
CA THR A 93 26.75 7.01 -21.68
C THR A 93 25.69 7.54 -20.73
N ILE A 94 24.85 8.44 -21.23
CA ILE A 94 23.82 9.05 -20.39
C ILE A 94 22.48 8.90 -21.06
N ASP A 95 21.56 8.18 -20.44
CA ASP A 95 20.30 7.87 -21.10
C ASP A 95 19.11 8.38 -20.32
N LEU A 96 18.05 8.71 -21.03
CA LEU A 96 16.83 9.12 -20.37
C LEU A 96 16.01 7.86 -20.03
N LEU A 97 15.82 7.57 -18.74
CA LEU A 97 15.09 6.37 -18.35
C LEU A 97 14.39 6.52 -16.99
N ASP A 98 13.25 5.87 -16.82
CA ASP A 98 12.54 5.97 -15.57
C ASP A 98 12.59 4.64 -14.81
N ILE A 99 13.44 4.55 -13.79
CA ILE A 99 13.61 3.30 -13.10
C ILE A 99 12.36 2.65 -12.53
N THR A 100 11.24 3.37 -12.41
CA THR A 100 9.98 2.74 -11.97
C THR A 100 9.13 2.21 -13.14
N ALA A 101 9.61 2.48 -14.35
CA ALA A 101 9.02 1.94 -15.55
C ALA A 101 9.70 0.61 -15.87
N GLU A 102 9.05 -0.18 -16.70
CA GLU A 102 9.60 -1.49 -17.01
C GLU A 102 10.86 -1.31 -17.84
N ILE A 103 11.89 -2.05 -17.47
CA ILE A 103 13.17 -1.97 -18.16
C ILE A 103 13.13 -2.44 -19.65
N PRO A 104 13.74 -1.67 -20.56
CA PRO A 104 13.88 -2.18 -21.93
C PRO A 104 14.68 -3.51 -21.96
N LYS A 105 14.18 -4.52 -22.67
CA LYS A 105 14.82 -5.84 -22.70
C LYS A 105 16.31 -5.78 -23.11
N GLU A 106 16.65 -4.84 -23.97
CA GLU A 106 18.02 -4.71 -24.43
C GLU A 106 18.97 -4.35 -23.31
N LEU A 107 18.47 -4.22 -22.08
CA LEU A 107 19.29 -3.81 -20.93
C LEU A 107 19.28 -4.79 -19.76
N ALA A 108 18.43 -5.81 -19.82
CA ALA A 108 18.35 -6.80 -18.77
C ALA A 108 19.71 -7.48 -18.57
N GLY A 109 20.13 -7.66 -17.31
CA GLY A 109 21.38 -8.30 -16.98
C GLY A 109 22.63 -7.73 -17.66
N HIS A 110 22.55 -6.48 -18.02
CA HIS A 110 23.61 -5.85 -18.78
C HIS A 110 24.70 -5.20 -17.91
N PHE A 111 24.41 -5.00 -16.62
CA PHE A 111 25.38 -4.34 -15.75
C PHE A 111 25.90 -5.22 -14.60
N ASP A 112 27.18 -5.08 -14.26
CA ASP A 112 27.70 -5.79 -13.07
C ASP A 112 27.19 -5.14 -11.75
N PHE A 113 27.08 -3.80 -11.78
CA PHE A 113 26.66 -3.03 -10.62
C PHE A 113 25.64 -1.95 -10.95
N VAL A 114 24.64 -1.82 -10.09
CA VAL A 114 23.73 -0.68 -10.16
C VAL A 114 23.87 0.07 -8.86
N LEU A 115 24.28 1.32 -8.95
CA LEU A 115 24.40 2.20 -7.79
C LEU A 115 23.33 3.33 -7.76
N ASN A 116 22.82 3.64 -6.58
CA ASN A 116 22.14 4.92 -6.38
C ASN A 116 22.16 5.40 -4.94
N ASP A 117 22.25 6.71 -4.76
CA ASP A 117 22.31 7.32 -3.44
C ASP A 117 21.02 8.04 -3.06
N ARG A 118 20.24 7.44 -2.17
CA ARG A 118 19.05 8.06 -1.60
C ARG A 118 17.96 8.36 -2.64
N LEU A 119 17.92 7.53 -3.66
CA LEU A 119 16.94 7.64 -4.74
C LEU A 119 15.61 7.06 -4.30
N ILE A 120 15.67 6.09 -3.41
CA ILE A 120 14.49 5.41 -2.93
C ILE A 120 13.66 6.36 -2.08
N ASN A 121 14.32 7.40 -1.56
CA ASN A 121 13.65 8.36 -0.70
C ASN A 121 12.73 9.25 -1.58
N ARG A 122 12.98 9.23 -2.90
CA ARG A 122 12.20 9.97 -3.86
C ARG A 122 11.00 9.18 -4.33
N PHE A 123 10.73 8.05 -3.67
CA PHE A 123 9.59 7.20 -4.01
C PHE A 123 8.53 7.06 -2.92
N THR A 124 7.34 6.71 -3.39
CA THR A 124 6.32 6.11 -2.53
C THR A 124 6.70 4.64 -2.41
N THR A 125 5.99 3.91 -1.56
CA THR A 125 6.30 2.51 -1.35
C THR A 125 6.09 1.65 -2.61
N GLU A 126 4.93 1.72 -3.26
CA GLU A 126 4.76 0.99 -4.51
C GLU A 126 5.69 1.47 -5.64
N GLU A 127 6.04 2.75 -5.66
CA GLU A 127 7.03 3.21 -6.60
C GLU A 127 8.42 2.56 -6.29
N ALA A 128 8.82 2.59 -5.02
CA ALA A 128 10.08 1.97 -4.63
C ALA A 128 10.13 0.48 -4.94
N ARG A 129 9.02 -0.23 -4.77
CA ARG A 129 8.99 -1.65 -5.14
C ARG A 129 9.32 -1.80 -6.64
N ARG A 130 8.55 -1.14 -7.50
CA ARG A 130 8.86 -1.14 -8.94
C ARG A 130 10.34 -0.78 -9.24
N ALA A 131 10.86 0.24 -8.57
CA ALA A 131 12.24 0.64 -8.76
C ALA A 131 13.22 -0.50 -8.48
N CYS A 132 13.10 -1.14 -7.31
CA CYS A 132 14.03 -2.20 -6.93
C CYS A 132 14.05 -3.32 -7.94
N LEU A 133 12.88 -3.78 -8.35
CA LEU A 133 12.72 -4.66 -9.52
C LEU A 133 13.52 -4.17 -10.77
N GLY A 134 13.37 -2.90 -11.11
CA GLY A 134 14.15 -2.34 -12.19
C GLY A 134 15.66 -2.45 -11.98
N MSE A 135 16.13 -2.21 -10.77
CA MSE A 135 17.56 -2.26 -10.54
C MSE A 135 18.06 -3.71 -10.70
O MSE A 135 19.13 -3.99 -11.29
CB MSE A 135 17.89 -1.76 -9.15
CG MSE A 135 17.52 -0.31 -8.87
SE MSE A 135 17.61 0.20 -6.97
CE MSE A 135 16.43 1.76 -7.02
N LEU A 136 17.27 -4.63 -10.18
CA LEU A 136 17.54 -6.05 -10.27
C LEU A 136 17.51 -6.53 -11.72
N SER A 137 16.56 -5.99 -12.46
CA SER A 137 16.42 -6.28 -13.86
C SER A 137 17.66 -5.83 -14.64
N LEU A 138 18.21 -4.68 -14.27
CA LEU A 138 19.39 -4.15 -14.94
C LEU A 138 20.60 -5.06 -14.72
N VAL A 139 20.77 -5.50 -13.47
CA VAL A 139 22.02 -6.12 -13.04
C VAL A 139 22.05 -7.60 -13.39
N GLY A 140 20.89 -8.15 -13.74
CA GLY A 140 20.72 -9.59 -13.82
C GLY A 140 21.22 -10.29 -12.58
N SER A 141 22.43 -10.85 -12.66
CA SER A 141 23.02 -11.57 -11.54
C SER A 141 24.10 -10.71 -10.86
N GLY A 142 24.07 -9.41 -11.13
CA GLY A 142 25.04 -8.49 -10.55
C GLY A 142 24.64 -8.02 -9.17
N THR A 143 25.26 -6.95 -8.70
CA THR A 143 24.99 -6.39 -7.38
C THR A 143 24.32 -5.03 -7.48
N VAL A 144 23.34 -4.78 -6.62
CA VAL A 144 22.72 -3.45 -6.52
C VAL A 144 23.18 -2.88 -5.22
N ARG A 145 23.68 -1.65 -5.26
CA ARG A 145 24.00 -0.91 -4.04
C ARG A 145 23.14 0.33 -3.98
N ALA A 146 22.26 0.35 -2.99
CA ALA A 146 21.29 1.45 -2.87
C ALA A 146 21.22 2.01 -1.44
N SER A 147 21.57 3.27 -1.26
CA SER A 147 21.53 3.82 0.09
C SER A 147 20.18 4.46 0.32
N VAL A 148 19.69 4.43 1.55
CA VAL A 148 18.42 5.04 1.88
C VAL A 148 18.55 5.86 3.14
N LYS A 149 18.07 7.10 3.12
CA LYS A 149 18.03 7.92 4.32
C LYS A 149 16.89 7.45 5.22
N LEU A 150 17.14 7.24 6.52
CA LEU A 150 16.17 6.61 7.38
C LEU A 150 15.58 7.55 8.42
N GLY A 151 14.29 7.34 8.69
CA GLY A 151 13.52 8.16 9.61
C GLY A 151 13.12 9.44 8.95
N PHE A 152 12.79 10.46 9.73
CA PHE A 152 12.30 11.73 9.16
C PHE A 152 13.40 12.66 8.75
N TYR A 153 13.11 13.45 7.73
CA TYR A 153 13.93 14.61 7.37
C TYR A 153 13.68 15.79 8.35
N ASP A 154 14.61 16.74 8.43
CA ASP A 154 14.39 17.88 9.31
C ASP A 154 13.09 18.57 8.92
N ILE A 155 12.90 18.77 7.63
CA ILE A 155 11.65 19.34 7.16
C ILE A 155 10.42 18.54 7.58
N ASP A 156 10.59 17.26 7.87
CA ASP A 156 9.42 16.46 8.20
C ASP A 156 8.94 16.92 9.56
N LEU A 157 9.90 17.10 10.46
CA LEU A 157 9.62 17.58 11.81
C LEU A 157 8.87 18.97 11.81
N LYS A 158 9.28 19.92 10.98
CA LYS A 158 8.49 21.12 10.83
C LYS A 158 7.12 20.80 10.23
N LEU A 159 7.05 19.86 9.29
CA LEU A 159 5.78 19.49 8.67
C LEU A 159 4.75 18.94 9.67
N ILE A 160 5.18 17.99 10.49
CA ILE A 160 4.34 17.48 11.57
C ILE A 160 3.86 18.65 12.48
N GLU A 161 4.79 19.46 12.96
CA GLU A 161 4.50 20.52 13.92
C GLU A 161 3.48 21.49 13.36
N TYR A 162 3.86 22.14 12.26
CA TYR A 162 3.09 23.25 11.66
C TYR A 162 1.80 22.79 10.94
N GLY A 163 1.62 21.48 10.86
CA GLY A 163 0.44 20.91 10.24
C GLY A 163 -0.51 20.35 11.27
N GLU A 164 0.03 20.11 12.47
CA GLU A 164 -0.76 19.76 13.65
C GLU A 164 -1.48 21.01 14.18
N GLN A 165 -0.70 22.06 14.42
CA GLN A 165 -1.24 23.32 14.87
C GLN A 165 -2.33 23.79 13.94
N SER A 166 -2.24 23.37 12.69
CA SER A 166 -3.20 23.77 11.67
C SER A 166 -4.32 22.73 11.56
N GLY A 167 -4.09 21.56 12.15
CA GLY A 167 -5.02 20.45 12.06
C GLY A 167 -5.21 19.93 10.65
N THR A 168 -4.25 20.21 9.77
CA THR A 168 -4.33 19.73 8.40
C THR A 168 -3.51 18.48 8.18
N LEU A 169 -2.82 18.03 9.24
CA LEU A 169 -1.76 17.03 9.10
C LEU A 169 -2.22 15.79 8.36
N ALA A 170 -3.39 15.26 8.74
CA ALA A 170 -3.94 14.09 8.06
C ALA A 170 -4.18 14.27 6.56
N LYS A 171 -4.33 15.51 6.12
CA LYS A 171 -4.62 15.81 4.71
C LYS A 171 -3.42 15.53 3.77
N PHE A 172 -2.20 15.59 4.30
CA PHE A 172 -0.99 15.43 3.50
C PHE A 172 0.03 14.46 4.10
N PHE A 173 -0.30 13.84 5.23
CA PHE A 173 0.57 12.82 5.76
C PHE A 173 -0.17 11.57 6.24
N ASP A 174 0.19 10.43 5.66
CA ASP A 174 -0.46 9.15 5.93
C ASP A 174 0.44 8.34 6.86
N PRO A 175 0.02 8.20 8.11
CA PRO A 175 0.87 7.55 9.13
C PRO A 175 0.97 6.06 8.95
N SER A 176 0.04 5.43 8.23
CA SER A 176 0.06 4.00 7.95
C SER A 176 1.43 3.52 7.44
N ASP A 177 1.97 4.24 6.45
CA ASP A 177 3.34 3.98 5.95
C ASP A 177 4.23 5.21 5.88
N LYS A 178 3.80 6.31 6.51
CA LYS A 178 4.60 7.52 6.57
C LYS A 178 4.87 8.17 5.19
N THR A 179 3.80 8.41 4.44
CA THR A 179 3.97 9.08 3.17
C THR A 179 3.53 10.53 3.27
N PHE A 180 4.36 11.45 2.81
CA PHE A 180 3.99 12.85 2.73
C PHE A 180 3.54 13.25 1.32
N HIS A 181 2.48 14.08 1.26
CA HIS A 181 2.12 14.77 0.01
C HIS A 181 2.36 16.26 0.11
N PHE A 182 3.45 16.77 -0.43
CA PHE A 182 3.83 18.14 -0.07
C PHE A 182 2.89 19.23 -0.64
N ARG A 183 2.54 19.07 -1.91
CA ARG A 183 1.65 19.97 -2.63
C ARG A 183 0.27 20.02 -2.01
N GLU A 184 0.10 19.34 -0.88
CA GLU A 184 -1.22 19.19 -0.27
C GLU A 184 -1.19 19.59 1.21
N ALA A 185 0.00 19.91 1.71
CA ALA A 185 0.13 20.69 2.93
C ALA A 185 -0.09 22.18 2.67
N GLY A 186 -0.10 22.55 1.39
CA GLY A 186 -0.24 23.95 1.01
C GLY A 186 0.61 24.86 1.87
N ASP A 187 -0.05 25.69 2.67
CA ASP A 187 0.61 26.84 3.30
C ASP A 187 1.63 26.38 4.34
N VAL A 188 1.45 25.17 4.85
CA VAL A 188 2.36 24.61 5.84
C VAL A 188 3.74 24.35 5.24
N LEU A 189 3.76 23.94 3.97
CA LEU A 189 5.01 23.67 3.28
C LEU A 189 5.94 24.87 3.34
N ASP A 190 5.47 26.02 2.89
CA ASP A 190 6.24 27.25 2.92
C ASP A 190 6.91 27.44 4.28
N ARG A 191 6.16 27.21 5.34
CA ARG A 191 6.61 27.53 6.69
C ARG A 191 7.68 26.55 7.16
N ALA A 192 7.70 25.37 6.56
CA ALA A 192 8.50 24.27 7.07
C ALA A 192 9.83 24.15 6.31
N LEU A 193 9.91 24.80 5.17
CA LEU A 193 11.09 24.71 4.30
C LEU A 193 12.37 24.97 5.10
N VAL A 194 13.37 24.13 4.90
CA VAL A 194 14.66 24.31 5.55
C VAL A 194 15.77 24.50 4.52
N PRO A 195 16.94 24.94 4.99
CA PRO A 195 18.04 25.30 4.10
C PRO A 195 18.57 24.09 3.34
N HIS A 196 18.58 24.17 2.02
CA HIS A 196 19.19 23.14 1.20
C HIS A 196 20.34 23.81 0.47
N GLY A 197 21.46 23.96 1.16
CA GLY A 197 22.55 24.69 0.58
C GLY A 197 22.18 26.14 0.36
N LEU A 198 22.29 26.62 -0.87
CA LEU A 198 22.00 28.01 -1.14
C LEU A 198 20.90 28.20 -2.19
N ILE A 199 20.12 27.15 -2.45
CA ILE A 199 18.97 27.30 -3.33
C ILE A 199 17.86 28.09 -2.60
N ASP A 200 17.26 29.04 -3.33
CA ASP A 200 16.28 29.98 -2.74
C ASP A 200 14.88 29.40 -2.48
N LYS A 201 14.09 30.09 -1.66
CA LYS A 201 12.78 29.56 -1.26
C LYS A 201 11.84 29.30 -2.43
N PRO A 202 11.73 30.21 -3.38
CA PRO A 202 10.83 29.93 -4.51
C PRO A 202 11.15 28.61 -5.21
N THR A 203 12.45 28.35 -5.35
CA THR A 203 12.87 27.17 -6.07
C THR A 203 12.60 25.92 -5.22
N LEU A 204 12.77 26.04 -3.91
CA LEU A 204 12.52 24.88 -3.07
C LEU A 204 11.06 24.48 -3.10
N LEU A 205 10.22 25.42 -2.71
CA LEU A 205 8.77 25.26 -2.66
C LEU A 205 8.31 24.57 -3.89
N GLU A 206 8.73 25.05 -5.06
CA GLU A 206 8.23 24.47 -6.29
C GLU A 206 8.72 23.04 -6.50
N TRP A 207 10.01 22.84 -6.28
CA TRP A 207 10.61 21.50 -6.26
C TRP A 207 9.85 20.53 -5.35
N TYR A 208 9.54 20.97 -4.15
CA TYR A 208 8.76 20.14 -3.23
C TYR A 208 7.37 19.82 -3.77
N ARG A 209 6.68 20.84 -4.29
CA ARG A 209 5.33 20.68 -4.78
C ARG A 209 5.28 19.74 -5.99
N ARG A 210 6.32 19.80 -6.82
CA ARG A 210 6.37 18.98 -8.02
C ARG A 210 6.82 17.56 -7.69
N ARG A 211 7.30 17.36 -6.47
CA ARG A 211 7.95 16.11 -6.09
C ARG A 211 6.92 15.04 -5.73
N GLY A 212 5.68 15.47 -5.49
CA GLY A 212 4.58 14.55 -5.34
C GLY A 212 4.50 13.96 -3.95
N LYS A 213 4.20 12.66 -3.88
CA LYS A 213 4.25 11.92 -2.62
C LYS A 213 5.64 11.34 -2.38
N GLU A 214 6.04 11.29 -1.11
CA GLU A 214 7.28 10.59 -0.72
C GLU A 214 7.11 9.77 0.57
N THR A 215 7.58 8.54 0.56
CA THR A 215 7.45 7.69 1.74
C THR A 215 8.71 7.75 2.61
N ARG A 216 8.56 7.74 3.94
CA ARG A 216 9.75 7.71 4.80
C ARG A 216 9.99 6.28 5.24
N PHE A 217 11.25 5.89 5.33
CA PHE A 217 11.58 4.51 5.64
C PHE A 217 12.40 4.44 6.90
N ASP A 218 12.14 3.39 7.67
CA ASP A 218 13.01 2.91 8.75
C ASP A 218 13.70 1.71 8.16
N ASP A 219 14.73 1.23 8.85
CA ASP A 219 15.41 0.02 8.45
C ASP A 219 14.44 -1.12 8.23
N GLU A 220 13.48 -1.32 9.13
CA GLU A 220 12.48 -2.36 8.91
C GLU A 220 11.67 -2.11 7.65
N ASP A 221 11.55 -0.86 7.25
CA ASP A 221 10.73 -0.55 6.09
C ASP A 221 11.45 -0.92 4.78
N VAL A 222 12.77 -0.75 4.78
CA VAL A 222 13.58 -1.11 3.61
C VAL A 222 13.64 -2.62 3.49
N ARG A 223 13.74 -3.30 4.61
CA ARG A 223 13.75 -4.74 4.58
C ARG A 223 12.43 -5.31 4.08
N ALA A 224 11.33 -4.69 4.52
CA ALA A 224 9.98 -5.12 4.09
C ALA A 224 9.76 -4.91 2.59
N LEU A 225 10.34 -3.83 2.08
CA LEU A 225 10.27 -3.52 0.67
C LEU A 225 10.99 -4.55 -0.21
N LEU A 226 12.21 -4.88 0.18
CA LEU A 226 13.05 -5.85 -0.51
C LEU A 226 12.52 -7.27 -0.53
N SER A 227 11.72 -7.63 0.49
CA SER A 227 11.11 -8.96 0.63
C SER A 227 9.69 -9.02 0.11
N HIS A 228 9.19 -7.89 -0.38
CA HIS A 228 7.82 -7.79 -0.87
C HIS A 228 7.63 -8.63 -2.14
N ASP A 229 6.47 -9.27 -2.24
CA ASP A 229 6.10 -10.09 -3.40
C ASP A 229 6.36 -9.42 -4.77
N VAL A 230 6.21 -8.11 -4.85
CA VAL A 230 6.39 -7.43 -6.12
C VAL A 230 7.85 -7.46 -6.56
N VAL A 231 8.75 -7.37 -5.58
CA VAL A 231 10.18 -7.36 -5.85
C VAL A 231 10.76 -8.76 -5.98
N ASN A 232 10.03 -9.75 -5.48
CA ASN A 232 10.49 -11.12 -5.59
C ASN A 232 9.69 -11.89 -6.62
N ALA A 233 8.93 -11.13 -7.38
CA ALA A 233 8.03 -11.70 -8.37
C ALA A 233 8.83 -12.43 -9.43
N ARG A 234 10.11 -12.09 -9.59
CA ARG A 234 10.90 -12.71 -10.64
C ARG A 234 12.17 -13.38 -10.12
N GLY A 235 12.06 -14.05 -8.98
CA GLY A 235 13.21 -14.69 -8.38
C GLY A 235 13.42 -14.09 -7.02
N TYR A 236 14.06 -14.82 -6.11
CA TYR A 236 14.14 -14.33 -4.76
C TYR A 236 15.39 -13.51 -4.49
N VAL A 237 15.19 -12.43 -3.76
CA VAL A 237 16.20 -11.40 -3.47
C VAL A 237 16.96 -11.68 -2.19
N THR A 238 18.23 -11.28 -2.16
CA THR A 238 19.10 -11.61 -1.05
C THR A 238 19.75 -10.35 -0.53
N LEU A 239 19.56 -10.01 0.73
CA LEU A 239 20.29 -8.86 1.23
C LEU A 239 21.68 -9.27 1.74
N GLU A 240 22.71 -8.97 0.96
CA GLU A 240 24.07 -9.34 1.26
C GLU A 240 24.67 -8.52 2.37
N LYS A 241 24.34 -7.24 2.41
CA LYS A 241 24.79 -6.43 3.53
C LYS A 241 24.11 -5.09 3.62
N ALA A 242 24.38 -4.41 4.72
CA ALA A 242 23.71 -3.16 5.02
C ALA A 242 24.63 -2.37 5.94
N VAL A 243 25.13 -1.25 5.47
CA VAL A 243 26.08 -0.51 6.27
C VAL A 243 25.68 0.95 6.57
N GLU A 244 25.78 1.34 7.83
CA GLU A 244 25.49 2.71 8.23
C GLU A 244 26.61 3.66 7.80
N LEU A 245 26.25 4.64 6.97
CA LEU A 245 27.24 5.46 6.29
C LEU A 245 27.82 6.53 7.22
N PRO A 246 29.09 6.86 7.03
CA PRO A 246 29.82 7.69 8.00
C PRO A 246 29.27 9.10 8.05
N ASP A 247 29.17 9.75 6.89
CA ASP A 247 28.94 11.19 6.83
C ASP A 247 27.46 11.51 6.75
N ALA A 248 26.76 10.87 5.81
CA ALA A 248 25.37 11.18 5.53
C ALA A 248 24.49 10.94 6.76
N PRO A 249 23.27 11.47 6.71
CA PRO A 249 22.43 11.56 7.91
C PRO A 249 21.63 10.28 8.13
N ASN A 250 22.03 9.48 9.11
CA ASN A 250 21.35 8.23 9.40
C ASN A 250 21.03 7.43 8.15
N THR A 251 22.04 7.23 7.30
CA THR A 251 21.82 6.71 5.95
C THR A 251 22.44 5.33 5.80
N MSE A 252 21.58 4.33 5.59
CA MSE A 252 22.04 2.95 5.43
C MSE A 252 22.21 2.58 3.97
O MSE A 252 21.32 2.83 3.15
CB MSE A 252 21.07 1.99 6.11
CG MSE A 252 21.54 0.54 6.13
SE MSE A 252 22.27 0.01 7.87
CE MSE A 252 20.76 0.52 9.00
N LEU A 253 23.35 1.98 3.64
CA LEU A 253 23.60 1.48 2.29
C LEU A 253 23.34 -0.02 2.21
N TYR A 254 22.56 -0.43 1.21
CA TYR A 254 22.08 -1.82 1.13
C TYR A 254 22.57 -2.42 -0.14
N GLN A 255 23.22 -3.59 0.00
CA GLN A 255 23.74 -4.33 -1.13
C GLN A 255 22.93 -5.59 -1.26
N PHE A 256 22.33 -5.79 -2.42
CA PHE A 256 21.43 -6.91 -2.65
C PHE A 256 21.46 -7.43 -4.09
N SER A 257 20.89 -8.61 -4.28
CA SER A 257 20.98 -9.26 -5.56
C SER A 257 19.91 -10.34 -5.59
N ARG A 258 19.67 -10.93 -6.77
CA ARG A 258 18.85 -12.11 -6.85
C ARG A 258 19.54 -13.05 -7.80
N ARG A 259 19.83 -14.27 -7.36
CA ARG A 259 20.47 -15.24 -8.24
C ARG A 259 19.83 -16.60 -8.04
N THR B 5 1.12 -37.58 16.54
CA THR B 5 1.21 -36.10 16.67
C THR B 5 2.57 -35.58 17.18
N ILE B 6 2.96 -34.39 16.71
CA ILE B 6 4.19 -33.77 17.12
C ILE B 6 4.01 -32.98 18.41
N THR B 7 4.37 -33.59 19.54
CA THR B 7 4.36 -32.90 20.82
C THR B 7 5.72 -32.29 21.13
N ASN B 8 6.07 -31.22 20.42
CA ASN B 8 7.37 -30.59 20.56
C ASN B 8 7.32 -29.09 20.28
N SER B 9 7.51 -28.29 21.33
CA SER B 9 7.13 -26.89 21.30
C SER B 9 8.02 -26.09 20.35
N LYS B 10 9.12 -26.71 19.93
CA LYS B 10 10.06 -26.05 19.04
C LYS B 10 9.52 -25.96 17.61
N ALA B 11 8.71 -26.95 17.23
CA ALA B 11 8.14 -26.99 15.89
C ALA B 11 7.27 -25.76 15.59
N GLU B 12 6.76 -25.11 16.63
CA GLU B 12 5.91 -23.96 16.50
C GLU B 12 6.73 -22.74 16.21
N ALA B 13 8.05 -22.87 16.28
CA ALA B 13 8.92 -21.78 15.86
C ALA B 13 9.07 -21.78 14.32
N TRP B 14 9.17 -22.98 13.76
CA TRP B 14 9.33 -23.10 12.33
C TRP B 14 8.01 -22.88 11.61
N GLU B 15 6.92 -22.84 12.37
CA GLU B 15 5.61 -22.48 11.80
C GLU B 15 5.49 -20.99 11.49
N LEU B 16 6.26 -20.15 12.19
CA LEU B 16 6.35 -18.72 11.90
C LEU B 16 7.05 -18.45 10.59
N ILE B 17 8.13 -19.18 10.37
CA ILE B 17 9.08 -18.93 9.31
C ILE B 17 8.60 -19.48 7.98
N GLY B 18 8.33 -20.78 7.96
CA GLY B 18 7.92 -21.42 6.72
C GLY B 18 9.04 -21.29 5.71
N ASN B 19 8.69 -21.23 4.42
CA ASN B 19 9.67 -21.13 3.32
C ASN B 19 10.52 -19.85 3.28
N GLN B 20 10.13 -18.82 4.03
CA GLN B 20 10.97 -17.63 4.14
C GLN B 20 12.42 -17.96 4.52
N PHE B 21 12.66 -19.16 5.04
CA PHE B 21 14.00 -19.51 5.46
C PHE B 21 14.97 -19.56 4.26
N TRP B 22 14.43 -19.88 3.08
CA TRP B 22 15.23 -20.17 1.90
C TRP B 22 14.83 -19.28 0.71
N THR B 23 13.80 -18.46 0.92
CA THR B 23 13.43 -17.42 -0.03
C THR B 23 14.08 -16.06 0.28
N ILE B 24 13.96 -15.58 1.51
CA ILE B 24 14.56 -14.29 1.87
C ILE B 24 15.50 -14.36 3.09
N GLY B 25 15.91 -15.56 3.49
CA GLY B 25 16.80 -15.76 4.63
C GLY B 25 18.28 -15.43 4.44
N ARG B 30 23.70 -20.30 -0.74
CA ARG B 30 24.63 -20.70 -1.79
C ARG B 30 25.79 -21.50 -1.21
N PRO B 31 25.68 -22.84 -1.17
CA PRO B 31 26.90 -23.60 -0.87
C PRO B 31 27.68 -23.87 -2.15
N SER B 32 29.00 -23.90 -2.07
CA SER B 32 29.82 -24.12 -3.26
C SER B 32 29.72 -25.56 -3.76
N ASP B 33 30.08 -25.73 -5.02
CA ASP B 33 30.04 -27.03 -5.69
C ASP B 33 30.88 -28.08 -4.97
N ARG B 34 31.81 -27.63 -4.11
CA ARG B 34 32.54 -28.55 -3.26
C ARG B 34 31.93 -28.67 -1.87
N GLU B 35 31.02 -27.77 -1.50
CA GLU B 35 30.38 -27.88 -0.19
C GLU B 35 29.24 -28.89 -0.25
N ASN B 36 28.33 -28.71 -1.20
N ASN B 36 28.34 -28.73 -1.19
CA ASN B 36 27.24 -29.66 -1.37
CA ASN B 36 27.25 -29.68 -1.36
C ASN B 36 27.83 -31.00 -1.84
C ASN B 36 27.82 -31.02 -1.86
N ASP B 37 29.05 -30.99 -2.36
CA ASP B 37 29.75 -32.19 -2.77
C ASP B 37 30.24 -33.04 -1.59
N ILE B 38 30.66 -32.37 -0.53
CA ILE B 38 31.12 -33.06 0.67
C ILE B 38 29.94 -33.79 1.30
N PHE B 39 28.77 -33.14 1.32
CA PHE B 39 27.54 -33.76 1.84
C PHE B 39 27.03 -34.95 1.00
N LEU B 40 27.28 -34.90 -0.29
CA LEU B 40 26.68 -35.83 -1.23
C LEU B 40 27.72 -36.79 -1.80
N GLU B 41 28.87 -36.88 -1.17
CA GLU B 41 29.87 -37.81 -1.64
C GLU B 41 29.35 -39.24 -1.65
N ASN B 42 29.56 -39.94 -2.75
CA ASN B 42 29.18 -41.34 -2.86
C ASN B 42 27.71 -41.58 -3.04
N ILE B 43 26.92 -40.51 -3.01
CA ILE B 43 25.50 -40.62 -3.26
C ILE B 43 25.23 -40.63 -4.77
N VAL B 44 24.51 -41.66 -5.24
CA VAL B 44 24.35 -41.88 -6.66
C VAL B 44 22.92 -42.26 -7.04
N PRO B 45 22.63 -42.39 -8.35
CA PRO B 45 21.25 -42.80 -8.64
C PRO B 45 20.91 -44.13 -7.93
N GLY B 46 19.77 -44.18 -7.26
CA GLY B 46 19.38 -45.36 -6.51
C GLY B 46 19.50 -45.20 -5.00
N SER B 47 20.50 -44.40 -4.57
CA SER B 47 20.80 -44.22 -3.16
C SER B 47 19.58 -43.75 -2.41
N THR B 48 19.26 -44.38 -1.28
CA THR B 48 18.18 -43.82 -0.50
C THR B 48 18.77 -42.81 0.46
N VAL B 49 18.23 -41.60 0.43
CA VAL B 49 18.80 -40.52 1.20
C VAL B 49 17.68 -39.90 2.01
N ALA B 50 17.93 -39.72 3.30
CA ALA B 50 16.99 -39.08 4.14
C ALA B 50 17.57 -37.75 4.59
N VAL B 51 16.91 -36.64 4.28
CA VAL B 51 17.39 -35.38 4.80
C VAL B 51 16.48 -34.91 5.92
N ILE B 52 17.06 -34.61 7.07
CA ILE B 52 16.32 -34.14 8.23
C ILE B 52 16.40 -32.64 8.24
N GLY B 53 15.25 -32.00 8.20
CA GLY B 53 15.20 -30.55 8.14
C GLY B 53 14.88 -30.07 6.74
N ALA B 54 13.61 -29.72 6.55
CA ALA B 54 13.10 -29.28 5.24
C ALA B 54 13.63 -27.91 4.83
N SER B 55 14.22 -27.16 5.76
CA SER B 55 14.67 -25.83 5.44
C SER B 55 15.93 -25.85 4.58
N THR B 56 16.56 -27.01 4.49
CA THR B 56 17.78 -27.19 3.71
C THR B 56 17.41 -27.45 2.27
N ARG B 57 16.60 -26.59 1.67
CA ARG B 57 15.99 -26.99 0.40
C ARG B 57 16.97 -27.12 -0.80
N PHE B 58 18.10 -26.42 -0.74
CA PHE B 58 19.05 -26.49 -1.84
C PHE B 58 19.84 -27.78 -1.80
N LEU B 59 20.17 -28.22 -0.60
CA LEU B 59 20.87 -29.48 -0.45
C LEU B 59 19.98 -30.63 -0.91
N ILE B 60 18.67 -30.46 -0.71
CA ILE B 60 17.66 -31.43 -1.09
C ILE B 60 17.51 -31.48 -2.61
N GLU B 61 17.55 -30.32 -3.26
CA GLU B 61 17.52 -30.25 -4.71
C GLU B 61 18.76 -30.92 -5.26
N LYS B 62 19.93 -30.46 -4.85
CA LYS B 62 21.19 -31.10 -5.19
C LYS B 62 21.20 -32.64 -5.07
N ALA B 63 20.56 -33.21 -4.04
CA ALA B 63 20.52 -34.67 -3.89
C ALA B 63 19.58 -35.29 -4.88
N LEU B 64 18.43 -34.67 -5.06
CA LEU B 64 17.50 -35.11 -6.09
C LEU B 64 18.11 -35.08 -7.48
N GLU B 65 19.05 -34.17 -7.73
CA GLU B 65 19.62 -34.12 -9.06
C GLU B 65 20.79 -35.11 -9.23
N ARG B 66 21.26 -35.64 -8.11
CA ARG B 66 22.21 -36.74 -8.16
C ARG B 66 21.49 -38.03 -8.61
N GLY B 67 20.16 -38.01 -8.58
CA GLY B 67 19.36 -39.17 -8.94
C GLY B 67 18.92 -39.99 -7.74
N ALA B 68 19.08 -39.42 -6.54
CA ALA B 68 18.82 -40.15 -5.31
C ALA B 68 17.34 -40.24 -5.04
N SER B 69 16.92 -41.26 -4.28
CA SER B 69 15.57 -41.34 -3.72
C SER B 69 15.51 -40.65 -2.38
N VAL B 70 15.09 -39.41 -2.42
CA VAL B 70 15.10 -38.57 -1.26
C VAL B 70 13.78 -38.61 -0.48
N THR B 71 13.87 -38.64 0.84
CA THR B 71 12.72 -38.49 1.71
C THR B 71 13.18 -37.43 2.66
N VAL B 72 12.27 -36.56 3.04
CA VAL B 72 12.60 -35.48 3.92
C VAL B 72 11.73 -35.58 5.18
N PHE B 73 12.37 -35.58 6.34
CA PHE B 73 11.70 -35.54 7.62
C PHE B 73 11.83 -34.18 8.28
N ASP B 74 10.71 -33.64 8.72
CA ASP B 74 10.69 -32.38 9.44
C ASP B 74 9.50 -32.46 10.36
N PHE B 75 9.59 -31.77 11.49
CA PHE B 75 8.51 -31.86 12.49
C PHE B 75 7.48 -30.70 12.40
N SER B 76 7.71 -29.76 11.47
CA SER B 76 6.83 -28.63 11.21
C SER B 76 6.00 -28.88 9.97
N GLN B 77 4.68 -28.82 10.16
CA GLN B 77 3.74 -29.05 9.07
C GLN B 77 3.86 -27.94 8.02
N ARG B 78 3.96 -26.69 8.48
CA ARG B 78 4.30 -25.58 7.61
C ARG B 78 5.58 -25.85 6.82
N MSE B 79 6.66 -26.28 7.46
CA MSE B 79 7.85 -26.57 6.68
C MSE B 79 7.63 -27.63 5.61
O MSE B 79 8.13 -27.50 4.49
CB MSE B 79 9.05 -26.94 7.54
CG MSE B 79 9.38 -25.94 8.59
SE MSE B 79 10.08 -24.29 7.92
CE MSE B 79 11.17 -24.89 6.46
N CYS B 80 6.89 -28.69 5.93
CA CYS B 80 6.58 -29.76 4.96
C CYS B 80 5.69 -29.32 3.83
N ASP B 81 4.67 -28.50 4.14
CA ASP B 81 3.73 -27.96 3.15
C ASP B 81 4.49 -27.09 2.14
N ASP B 82 5.21 -26.11 2.68
CA ASP B 82 5.97 -25.18 1.86
C ASP B 82 7.01 -25.86 1.01
N LEU B 83 7.68 -26.90 1.53
CA LEU B 83 8.65 -27.65 0.73
C LEU B 83 7.97 -28.47 -0.36
N ALA B 84 6.87 -29.11 0.02
CA ALA B 84 6.00 -29.82 -0.90
C ALA B 84 5.59 -28.94 -2.09
N GLU B 85 5.19 -27.69 -1.80
CA GLU B 85 4.88 -26.74 -2.86
C GLU B 85 6.08 -26.50 -3.77
N ALA B 86 7.24 -26.24 -3.20
CA ALA B 86 8.37 -25.85 -4.00
C ALA B 86 8.89 -26.98 -4.88
N LEU B 87 8.68 -28.22 -4.44
CA LEU B 87 9.15 -29.38 -5.18
C LEU B 87 7.98 -30.23 -5.55
N ALA B 88 6.86 -29.57 -5.84
CA ALA B 88 5.63 -30.25 -6.22
C ALA B 88 5.80 -31.23 -7.41
N ASP B 89 6.65 -30.86 -8.36
CA ASP B 89 6.91 -31.62 -9.58
C ASP B 89 8.04 -32.64 -9.44
N ARG B 90 8.71 -32.65 -8.30
CA ARG B 90 9.76 -33.62 -8.03
C ARG B 90 9.24 -34.87 -7.27
N CYS B 91 10.04 -35.92 -7.23
CA CYS B 91 9.46 -37.18 -6.74
C CYS B 91 9.79 -37.43 -5.28
N VAL B 92 9.66 -36.40 -4.46
CA VAL B 92 10.17 -36.43 -3.11
C VAL B 92 9.12 -36.88 -2.12
N THR B 93 9.44 -37.82 -1.25
CA THR B 93 8.57 -38.12 -0.11
C THR B 93 8.81 -37.14 1.03
N ILE B 94 7.73 -36.69 1.66
CA ILE B 94 7.89 -35.71 2.73
C ILE B 94 7.02 -36.06 3.93
N ASP B 95 7.67 -36.42 5.03
CA ASP B 95 6.97 -36.96 6.19
C ASP B 95 7.19 -36.07 7.42
N LEU B 96 6.14 -35.87 8.19
CA LEU B 96 6.27 -35.32 9.54
C LEU B 96 6.98 -36.31 10.46
N LEU B 97 8.05 -35.85 11.11
CA LEU B 97 8.82 -36.71 11.99
C LEU B 97 9.66 -35.87 12.96
N ASP B 98 9.60 -36.23 14.24
CA ASP B 98 10.56 -35.73 15.23
C ASP B 98 11.71 -36.71 15.40
N ILE B 99 12.88 -36.35 14.85
CA ILE B 99 14.08 -37.16 15.01
C ILE B 99 14.47 -37.27 16.48
N THR B 100 14.01 -36.32 17.29
CA THR B 100 14.24 -36.36 18.73
C THR B 100 13.37 -37.39 19.41
N ALA B 101 12.51 -38.04 18.63
CA ALA B 101 11.60 -39.03 19.16
C ALA B 101 11.99 -40.37 18.61
N GLU B 102 11.28 -41.39 19.04
CA GLU B 102 11.59 -42.72 18.54
C GLU B 102 11.17 -42.86 17.09
N ILE B 103 11.93 -43.66 16.36
CA ILE B 103 11.74 -43.89 14.95
C ILE B 103 10.88 -45.13 14.74
N PRO B 104 9.70 -44.97 14.14
CA PRO B 104 8.78 -46.03 13.73
C PRO B 104 9.54 -47.23 13.19
N LYS B 105 9.14 -48.44 13.55
CA LYS B 105 9.98 -49.57 13.19
C LYS B 105 9.90 -49.75 11.69
N GLU B 106 8.94 -49.07 11.07
CA GLU B 106 8.72 -49.18 9.63
C GLU B 106 9.73 -48.38 8.77
N LEU B 107 10.56 -47.57 9.43
CA LEU B 107 11.58 -46.76 8.76
C LEU B 107 13.00 -47.19 9.09
N ALA B 108 13.15 -48.02 10.12
CA ALA B 108 14.45 -48.41 10.62
C ALA B 108 15.27 -49.13 9.55
N GLY B 109 16.44 -48.58 9.26
CA GLY B 109 17.32 -49.15 8.24
C GLY B 109 16.80 -49.13 6.82
N HIS B 110 16.08 -48.08 6.44
CA HIS B 110 15.47 -47.96 5.09
C HIS B 110 16.23 -46.97 4.22
N PHE B 111 17.29 -46.39 4.77
CA PHE B 111 18.11 -45.38 4.10
C PHE B 111 19.59 -45.70 4.04
N ASP B 112 20.22 -45.41 2.92
CA ASP B 112 21.66 -45.56 2.79
C ASP B 112 22.40 -44.37 3.42
N PHE B 113 21.72 -43.23 3.51
CA PHE B 113 22.33 -42.01 4.01
C PHE B 113 21.34 -41.22 4.84
N VAL B 114 21.81 -40.61 5.92
CA VAL B 114 21.07 -39.53 6.53
C VAL B 114 21.94 -38.27 6.53
N LEU B 115 21.35 -37.19 6.03
CA LEU B 115 22.00 -35.89 5.97
C LEU B 115 21.24 -34.82 6.76
N ASN B 116 21.98 -33.88 7.35
CA ASN B 116 21.39 -32.68 7.92
C ASN B 116 22.47 -31.63 8.10
N ASP B 117 22.11 -30.37 7.91
CA ASP B 117 23.05 -29.26 7.90
C ASP B 117 22.75 -28.29 9.05
N ARG B 118 23.55 -28.35 10.11
CA ARG B 118 23.29 -27.55 11.29
C ARG B 118 21.93 -27.78 11.94
N LEU B 119 21.35 -28.96 11.73
CA LEU B 119 20.22 -29.39 12.55
C LEU B 119 20.56 -29.46 14.03
N ILE B 120 21.70 -30.12 14.34
CA ILE B 120 22.17 -30.32 15.70
C ILE B 120 22.36 -29.03 16.54
N ASN B 121 22.58 -27.88 15.90
CA ASN B 121 22.65 -26.60 16.63
C ASN B 121 21.29 -26.16 17.18
N ARG B 122 20.22 -26.70 16.61
CA ARG B 122 18.86 -26.52 17.07
C ARG B 122 18.49 -27.46 18.25
N PHE B 123 19.50 -28.09 18.83
CA PHE B 123 19.29 -29.03 19.90
C PHE B 123 19.92 -28.61 21.23
N THR B 124 19.48 -29.23 22.30
CA THR B 124 20.29 -29.21 23.51
C THR B 124 21.02 -30.52 23.50
N THR B 125 22.04 -30.57 24.35
CA THR B 125 22.82 -31.76 24.57
C THR B 125 21.91 -32.99 24.74
N GLU B 126 20.91 -32.95 25.64
CA GLU B 126 20.09 -34.15 25.85
C GLU B 126 19.42 -34.56 24.57
N GLU B 127 18.94 -33.59 23.78
CA GLU B 127 18.23 -33.96 22.56
C GLU B 127 19.15 -34.35 21.41
N ALA B 128 20.27 -33.66 21.30
CA ALA B 128 21.30 -34.03 20.33
C ALA B 128 21.56 -35.54 20.38
N ARG B 129 21.69 -36.04 21.61
CA ARG B 129 21.84 -37.48 21.78
C ARG B 129 20.69 -38.28 21.19
N ARG B 130 19.45 -37.98 21.60
CA ARG B 130 18.27 -38.65 21.01
C ARG B 130 18.28 -38.54 19.48
N ALA B 131 18.52 -37.33 18.97
CA ALA B 131 18.64 -37.10 17.50
C ALA B 131 19.59 -38.09 16.83
N CYS B 132 20.87 -38.06 17.19
CA CYS B 132 21.84 -39.03 16.71
C CYS B 132 21.35 -40.47 16.72
N LEU B 133 20.75 -40.90 17.82
CA LEU B 133 20.12 -42.21 17.79
C LEU B 133 19.00 -42.37 16.72
N GLY B 134 18.22 -41.31 16.51
CA GLY B 134 17.25 -41.34 15.43
C GLY B 134 17.89 -41.61 14.08
N MSE B 135 18.97 -40.85 13.82
CA MSE B 135 19.66 -40.87 12.55
C MSE B 135 20.28 -42.24 12.31
O MSE B 135 20.24 -42.76 11.19
CB MSE B 135 20.71 -39.77 12.50
CG MSE B 135 20.28 -38.37 12.95
SE MSE B 135 21.80 -37.11 12.85
CE MSE B 135 21.28 -35.65 14.01
N LEU B 136 20.86 -42.85 13.35
CA LEU B 136 21.41 -44.20 13.17
C LEU B 136 20.33 -45.23 12.93
N SER B 137 19.23 -45.09 13.67
CA SER B 137 18.07 -45.97 13.51
C SER B 137 17.59 -45.95 12.07
N LEU B 138 17.49 -44.75 11.50
CA LEU B 138 17.10 -44.53 10.08
C LEU B 138 17.98 -45.21 9.02
N VAL B 139 19.31 -45.16 9.21
CA VAL B 139 20.26 -45.71 8.25
C VAL B 139 20.53 -47.18 8.37
N GLY B 140 20.42 -47.72 9.60
CA GLY B 140 20.93 -49.06 9.85
C GLY B 140 22.45 -49.14 9.68
N SER B 141 22.89 -49.77 8.59
CA SER B 141 24.32 -49.95 8.35
C SER B 141 24.88 -48.91 7.35
N GLY B 142 24.15 -47.83 7.12
CA GLY B 142 24.60 -46.81 6.20
C GLY B 142 25.28 -45.65 6.92
N THR B 143 25.47 -44.56 6.20
CA THR B 143 26.22 -43.41 6.67
C THR B 143 25.37 -42.24 7.12
N VAL B 144 25.71 -41.62 8.26
CA VAL B 144 25.08 -40.38 8.67
C VAL B 144 26.06 -39.25 8.44
N ARG B 145 25.63 -38.14 7.84
CA ARG B 145 26.44 -36.93 7.84
C ARG B 145 25.71 -35.73 8.45
N ALA B 146 26.31 -35.13 9.48
CA ALA B 146 25.72 -34.02 10.17
C ALA B 146 26.74 -32.90 10.39
N SER B 147 26.38 -31.67 10.06
CA SER B 147 27.29 -30.57 10.25
C SER B 147 26.86 -29.77 11.42
N VAL B 148 27.83 -29.16 12.06
CA VAL B 148 27.59 -28.37 13.23
C VAL B 148 28.35 -27.09 13.13
N LYS B 149 27.66 -25.99 13.39
CA LYS B 149 28.35 -24.73 13.66
C LYS B 149 29.02 -24.87 15.01
N LEU B 150 30.31 -24.51 15.08
CA LEU B 150 31.05 -24.62 16.34
C LEU B 150 31.28 -23.26 16.99
N GLY B 151 31.27 -23.29 18.32
CA GLY B 151 31.46 -22.08 19.08
C GLY B 151 30.18 -21.27 19.22
N PHE B 152 30.37 -20.00 19.49
CA PHE B 152 29.31 -19.06 19.72
C PHE B 152 28.97 -18.38 18.44
N TYR B 153 27.69 -18.15 18.25
CA TYR B 153 27.18 -17.24 17.21
C TYR B 153 27.45 -15.77 17.57
N ASP B 154 27.44 -14.91 16.57
CA ASP B 154 27.69 -13.50 16.81
C ASP B 154 26.73 -12.93 17.82
N ILE B 155 25.48 -13.34 17.72
CA ILE B 155 24.46 -12.85 18.63
C ILE B 155 24.71 -13.36 20.05
N ASP B 156 25.37 -14.50 20.17
CA ASP B 156 25.62 -15.07 21.49
C ASP B 156 26.59 -14.16 22.23
N LEU B 157 27.44 -13.48 21.50
CA LEU B 157 28.37 -12.59 22.15
C LEU B 157 27.61 -11.43 22.77
N LYS B 158 26.76 -10.80 21.97
CA LYS B 158 25.90 -9.71 22.44
C LYS B 158 25.03 -10.16 23.63
N LEU B 159 24.36 -11.29 23.49
CA LEU B 159 23.58 -11.86 24.59
C LEU B 159 24.31 -11.98 25.92
N ILE B 160 25.65 -12.03 25.86
CA ILE B 160 26.44 -12.16 27.08
C ILE B 160 27.00 -10.78 27.46
N GLU B 161 27.31 -9.96 26.46
CA GLU B 161 27.75 -8.60 26.72
C GLU B 161 26.67 -7.79 27.42
N TYR B 162 25.40 -8.16 27.21
CA TYR B 162 24.29 -7.43 27.80
C TYR B 162 23.63 -8.26 28.89
N GLY B 163 24.17 -9.45 29.11
CA GLY B 163 23.67 -10.33 30.16
C GLY B 163 24.45 -10.18 31.45
N GLU B 164 25.74 -9.86 31.31
CA GLU B 164 26.56 -9.48 32.45
C GLU B 164 26.46 -7.98 32.71
N GLN B 165 25.94 -7.24 31.73
CA GLN B 165 25.76 -5.80 31.87
C GLN B 165 24.44 -5.48 32.57
N SER B 166 23.73 -6.51 32.97
CA SER B 166 22.46 -6.35 33.66
C SER B 166 22.21 -7.47 34.67
N GLY B 167 23.29 -8.09 35.12
CA GLY B 167 23.20 -9.18 36.08
C GLY B 167 22.07 -10.13 35.76
N THR B 168 21.88 -10.41 34.47
CA THR B 168 20.79 -11.28 34.02
C THR B 168 21.35 -12.62 33.52
N LEU B 169 22.60 -12.60 33.07
CA LEU B 169 23.18 -13.72 32.33
C LEU B 169 22.85 -15.12 32.82
N ALA B 170 22.77 -15.29 34.13
CA ALA B 170 22.54 -16.63 34.69
C ALA B 170 21.12 -17.06 34.45
N LYS B 171 20.27 -16.08 34.12
CA LYS B 171 18.82 -16.33 34.04
C LYS B 171 18.48 -17.27 32.86
N PHE B 172 19.27 -17.12 31.79
CA PHE B 172 19.09 -17.85 30.54
C PHE B 172 20.30 -18.68 30.06
N PHE B 173 21.50 -18.12 30.23
CA PHE B 173 22.76 -18.79 29.87
C PHE B 173 23.36 -19.71 30.93
N ASP B 174 23.35 -21.02 30.70
CA ASP B 174 24.01 -21.99 31.60
C ASP B 174 25.48 -22.36 31.24
N PRO B 175 26.50 -21.78 31.91
CA PRO B 175 27.88 -21.94 31.40
C PRO B 175 28.46 -23.38 31.47
N SER B 176 27.75 -24.28 32.12
CA SER B 176 28.18 -25.66 32.32
C SER B 176 27.96 -26.52 31.09
N ASP B 177 27.31 -25.94 30.10
CA ASP B 177 26.81 -26.69 28.96
C ASP B 177 26.92 -25.80 27.74
N LYS B 178 27.21 -24.52 27.99
CA LYS B 178 27.01 -23.48 27.02
C LYS B 178 25.57 -23.51 26.43
N THR B 179 24.55 -23.68 27.27
CA THR B 179 23.17 -23.67 26.79
C THR B 179 22.45 -22.32 26.94
N PHE B 180 21.76 -21.88 25.90
CA PHE B 180 20.95 -20.67 25.96
C PHE B 180 19.47 -21.01 26.09
N HIS B 181 18.77 -20.28 26.94
CA HIS B 181 17.32 -20.21 26.88
C HIS B 181 16.85 -18.82 26.47
N PHE B 182 16.48 -18.69 25.19
CA PHE B 182 16.27 -17.37 24.60
C PHE B 182 15.06 -16.67 25.21
N ARG B 183 13.99 -17.43 25.41
CA ARG B 183 12.79 -16.91 26.06
C ARG B 183 13.15 -16.11 27.31
N GLU B 184 13.95 -16.72 28.18
CA GLU B 184 14.10 -16.24 29.55
C GLU B 184 15.14 -15.12 29.63
N ALA B 185 15.52 -14.58 28.47
CA ALA B 185 16.54 -13.55 28.40
C ALA B 185 15.91 -12.16 28.38
N GLY B 186 14.68 -12.08 27.88
CA GLY B 186 13.90 -10.85 27.98
C GLY B 186 14.26 -9.86 26.90
N ASP B 187 14.50 -8.61 27.31
CA ASP B 187 14.72 -7.52 26.37
C ASP B 187 16.16 -7.45 25.95
N VAL B 188 16.94 -8.40 26.48
CA VAL B 188 18.36 -8.46 26.15
C VAL B 188 18.36 -8.93 24.73
N LEU B 189 17.61 -10.00 24.53
CA LEU B 189 17.23 -10.49 23.22
C LEU B 189 16.91 -9.38 22.21
N ASP B 190 15.98 -8.50 22.55
CA ASP B 190 15.58 -7.43 21.65
C ASP B 190 16.76 -6.55 21.25
N ARG B 191 17.58 -6.19 22.24
CA ARG B 191 18.73 -5.33 21.99
C ARG B 191 19.85 -6.10 21.29
N ALA B 192 19.95 -7.39 21.59
CA ALA B 192 21.09 -8.19 21.18
C ALA B 192 21.02 -8.53 19.69
N LEU B 193 19.80 -8.58 19.17
CA LEU B 193 19.54 -9.21 17.87
C LEU B 193 20.08 -8.35 16.73
N VAL B 194 20.52 -9.01 15.66
CA VAL B 194 20.86 -8.31 14.43
C VAL B 194 20.14 -8.94 13.24
N PRO B 195 19.88 -8.12 12.21
CA PRO B 195 18.92 -8.48 11.17
C PRO B 195 19.35 -9.73 10.40
N HIS B 196 18.53 -10.78 10.48
CA HIS B 196 18.81 -12.01 9.75
C HIS B 196 18.24 -11.96 8.33
N GLY B 197 18.93 -11.23 7.46
CA GLY B 197 18.48 -11.07 6.09
C GLY B 197 17.28 -10.15 5.98
N LEU B 198 16.21 -10.64 5.35
CA LEU B 198 15.04 -9.83 5.07
C LEU B 198 13.79 -10.16 5.89
N ILE B 199 13.88 -11.19 6.73
CA ILE B 199 12.78 -11.56 7.61
C ILE B 199 12.61 -10.51 8.69
N ASP B 200 11.35 -10.16 8.98
CA ASP B 200 11.10 -9.02 9.89
C ASP B 200 11.51 -9.32 11.33
N LYS B 201 11.96 -8.29 12.03
CA LYS B 201 12.50 -8.42 13.39
C LYS B 201 11.51 -9.09 14.33
N PRO B 202 10.29 -8.55 14.41
CA PRO B 202 9.26 -9.17 15.22
C PRO B 202 9.15 -10.69 14.98
N THR B 203 9.21 -11.14 13.73
CA THR B 203 9.18 -12.59 13.50
C THR B 203 10.47 -13.31 13.92
N LEU B 204 11.61 -12.65 13.82
CA LEU B 204 12.86 -13.23 14.29
C LEU B 204 12.81 -13.41 15.78
N LEU B 205 12.50 -12.31 16.49
CA LEU B 205 12.33 -12.34 17.94
C LEU B 205 11.39 -13.44 18.39
N GLU B 206 10.21 -13.50 17.82
CA GLU B 206 9.33 -14.58 18.22
C GLU B 206 9.91 -15.97 17.89
N TRP B 207 10.73 -16.05 16.85
CA TRP B 207 11.26 -17.32 16.36
C TRP B 207 12.26 -17.90 17.35
N TYR B 208 13.19 -17.05 17.74
CA TYR B 208 14.10 -17.31 18.82
C TYR B 208 13.41 -17.86 20.06
N ARG B 209 12.46 -17.10 20.59
CA ARG B 209 11.79 -17.45 21.84
C ARG B 209 11.12 -18.82 21.76
N ARG B 210 10.59 -19.19 20.60
CA ARG B 210 9.89 -20.46 20.46
C ARG B 210 10.87 -21.59 20.20
N ARG B 211 12.10 -21.20 19.87
CA ARG B 211 13.18 -22.16 19.70
C ARG B 211 13.58 -22.75 21.04
N GLY B 212 13.31 -21.99 22.10
CA GLY B 212 13.51 -22.44 23.45
C GLY B 212 14.97 -22.56 23.80
N LYS B 213 15.34 -23.80 24.10
CA LYS B 213 16.67 -24.12 24.62
C LYS B 213 17.64 -24.58 23.51
N GLU B 214 18.76 -23.90 23.35
CA GLU B 214 19.84 -24.35 22.45
C GLU B 214 21.26 -24.47 23.04
N THR B 215 21.89 -25.62 22.82
CA THR B 215 23.25 -25.89 23.30
C THR B 215 24.29 -25.45 22.25
N ARG B 216 25.23 -24.59 22.63
CA ARG B 216 26.38 -24.30 21.78
C ARG B 216 27.44 -25.44 21.85
N PHE B 217 28.15 -25.69 20.73
CA PHE B 217 29.10 -26.82 20.65
C PHE B 217 30.47 -26.43 20.15
N ASP B 218 31.46 -27.17 20.65
CA ASP B 218 32.84 -27.11 20.18
C ASP B 218 33.17 -28.45 19.60
N ASP B 219 34.22 -28.51 18.78
CA ASP B 219 34.67 -29.78 18.26
C ASP B 219 34.65 -30.89 19.33
N GLU B 220 35.16 -30.61 20.52
CA GLU B 220 35.25 -31.64 21.57
C GLU B 220 33.86 -32.06 22.08
N ASP B 221 32.96 -31.09 22.14
CA ASP B 221 31.57 -31.30 22.55
C ASP B 221 30.82 -32.21 21.58
N VAL B 222 31.01 -31.95 20.29
CA VAL B 222 30.46 -32.81 19.27
C VAL B 222 31.05 -34.21 19.29
N ARG B 223 32.37 -34.33 19.48
CA ARG B 223 33.01 -35.66 19.57
C ARG B 223 32.58 -36.40 20.81
N ALA B 224 32.46 -35.65 21.90
CA ALA B 224 31.96 -36.15 23.18
C ALA B 224 30.54 -36.74 23.07
N LEU B 225 29.72 -36.08 22.23
CA LEU B 225 28.37 -36.50 21.92
C LEU B 225 28.34 -37.81 21.19
N LEU B 226 29.20 -37.99 20.21
CA LEU B 226 29.20 -39.24 19.48
C LEU B 226 29.87 -40.36 20.24
N SER B 227 30.69 -39.98 21.21
CA SER B 227 31.34 -41.00 22.04
C SER B 227 30.50 -41.28 23.27
N HIS B 228 29.50 -40.42 23.53
CA HIS B 228 28.62 -40.58 24.68
C HIS B 228 27.94 -41.93 24.77
N ASP B 229 27.65 -42.34 26.01
CA ASP B 229 27.18 -43.70 26.33
C ASP B 229 25.75 -43.95 25.89
N VAL B 230 24.94 -42.90 25.96
CA VAL B 230 23.58 -42.96 25.46
C VAL B 230 23.56 -43.33 23.98
N VAL B 231 24.37 -42.60 23.19
CA VAL B 231 24.50 -42.75 21.76
C VAL B 231 25.03 -44.11 21.37
N ASN B 232 25.86 -44.66 22.25
CA ASN B 232 26.47 -45.95 22.00
C ASN B 232 25.69 -47.11 22.58
N ALA B 233 24.63 -46.74 23.30
CA ALA B 233 23.80 -47.71 23.99
C ALA B 233 23.25 -48.82 23.11
N ARG B 234 23.15 -48.63 21.80
CA ARG B 234 22.48 -49.62 20.95
C ARG B 234 23.38 -50.17 19.86
N GLY B 235 24.67 -50.03 20.09
CA GLY B 235 25.66 -50.39 19.09
C GLY B 235 26.80 -49.42 19.23
N TYR B 236 27.99 -49.85 18.81
CA TYR B 236 29.14 -48.96 18.87
C TYR B 236 29.16 -47.97 17.67
N VAL B 237 29.31 -46.70 17.97
CA VAL B 237 29.27 -45.69 16.94
C VAL B 237 30.68 -45.25 16.48
N THR B 238 30.97 -45.42 15.19
CA THR B 238 32.27 -44.98 14.67
C THR B 238 32.23 -43.58 14.09
N LEU B 239 33.03 -42.67 14.63
CA LEU B 239 33.33 -41.41 13.95
C LEU B 239 34.33 -41.61 12.76
N GLU B 240 33.84 -41.55 11.54
CA GLU B 240 34.67 -41.80 10.38
C GLU B 240 35.34 -40.56 9.77
N LYS B 241 34.64 -39.43 9.80
CA LYS B 241 35.17 -38.15 9.28
C LYS B 241 34.81 -36.93 10.13
N ALA B 242 35.74 -35.99 10.14
CA ALA B 242 35.50 -34.65 10.64
C ALA B 242 36.25 -33.72 9.69
N VAL B 243 35.50 -33.20 8.71
CA VAL B 243 36.00 -32.32 7.66
C VAL B 243 35.55 -30.90 7.91
N GLU B 244 36.45 -29.95 7.73
CA GLU B 244 36.02 -28.58 7.90
C GLU B 244 35.40 -28.09 6.59
N LEU B 245 34.22 -27.46 6.71
CA LEU B 245 33.53 -26.92 5.53
C LEU B 245 34.04 -25.54 5.13
N PRO B 246 34.22 -25.33 3.82
CA PRO B 246 34.87 -24.19 3.13
C PRO B 246 34.21 -22.83 3.35
N ASP B 247 32.93 -22.77 3.01
CA ASP B 247 32.21 -21.51 2.98
C ASP B 247 31.63 -21.16 4.33
N ALA B 248 30.82 -22.07 4.86
CA ALA B 248 30.31 -21.91 6.21
C ALA B 248 31.43 -21.56 7.20
N PRO B 249 31.20 -20.52 8.00
CA PRO B 249 32.15 -19.94 8.96
C PRO B 249 32.29 -20.81 10.21
N ASN B 250 33.47 -21.42 10.37
CA ASN B 250 33.70 -22.27 11.52
C ASN B 250 32.60 -23.35 11.67
N THR B 251 32.39 -24.14 10.60
CA THR B 251 31.48 -25.30 10.58
C THR B 251 32.16 -26.63 10.22
N MSE B 252 31.85 -27.69 10.97
CA MSE B 252 32.48 -28.97 10.74
C MSE B 252 31.44 -29.97 10.25
O MSE B 252 30.29 -29.95 10.67
CB MSE B 252 33.10 -29.47 12.04
CG MSE B 252 34.03 -30.65 11.90
SE MSE B 252 35.85 -30.13 11.52
CE MSE B 252 36.43 -29.39 13.22
N LEU B 253 31.81 -30.87 9.36
CA LEU B 253 30.91 -31.93 8.97
C LEU B 253 31.34 -33.27 9.62
N TYR B 254 30.41 -33.94 10.31
CA TYR B 254 30.73 -35.21 10.97
C TYR B 254 30.11 -36.43 10.30
N GLN B 255 30.93 -37.37 9.86
CA GLN B 255 30.37 -38.60 9.32
C GLN B 255 30.51 -39.76 10.32
N PHE B 256 29.40 -40.39 10.65
CA PHE B 256 29.48 -41.49 11.60
C PHE B 256 28.60 -42.65 11.20
N SER B 257 28.89 -43.83 11.78
CA SER B 257 28.11 -45.02 11.48
C SER B 257 27.92 -45.96 12.66
N ARG B 258 27.29 -47.11 12.40
CA ARG B 258 27.08 -48.12 13.40
C ARG B 258 26.91 -49.49 12.77
N ARG B 259 28.02 -50.11 12.41
CA ARG B 259 27.98 -51.47 11.94
C ARG B 259 28.35 -52.43 13.06
N ALA B 260 28.40 -53.73 12.73
CA ALA B 260 28.82 -54.78 13.66
C ALA B 260 29.91 -55.64 13.03
N ILE C 6 -5.15 -19.74 -8.67
CA ILE C 6 -5.52 -19.58 -7.25
C ILE C 6 -4.39 -19.89 -6.21
N THR C 7 -3.33 -19.08 -6.21
CA THR C 7 -2.28 -19.11 -5.17
C THR C 7 -2.60 -18.08 -4.07
N ASN C 8 -3.65 -18.37 -3.31
CA ASN C 8 -4.12 -17.48 -2.24
C ASN C 8 -4.49 -18.40 -1.11
N SER C 9 -3.75 -18.28 -0.01
CA SER C 9 -3.86 -19.22 1.08
C SER C 9 -5.19 -19.10 1.85
N LYS C 10 -5.82 -17.92 1.79
CA LYS C 10 -7.12 -17.69 2.46
C LYS C 10 -8.20 -18.56 1.90
N ALA C 11 -8.04 -19.04 0.66
CA ALA C 11 -9.04 -19.89 0.03
C ALA C 11 -9.16 -21.17 0.81
N GLU C 12 -8.03 -21.60 1.38
CA GLU C 12 -7.97 -22.73 2.29
C GLU C 12 -8.88 -22.58 3.53
N ALA C 13 -9.05 -21.35 4.03
CA ALA C 13 -10.03 -21.13 5.11
C ALA C 13 -11.43 -21.66 4.75
N TRP C 14 -11.87 -21.37 3.53
CA TRP C 14 -13.24 -21.65 3.12
C TRP C 14 -13.54 -23.08 2.70
N GLU C 15 -12.48 -23.87 2.45
CA GLU C 15 -12.65 -25.29 2.19
C GLU C 15 -13.22 -26.00 3.41
N LEU C 16 -13.05 -25.41 4.57
CA LEU C 16 -13.64 -25.93 5.80
C LEU C 16 -15.13 -25.70 5.93
N ILE C 17 -15.64 -24.69 5.25
CA ILE C 17 -16.95 -24.19 5.54
C ILE C 17 -17.98 -24.71 4.56
N GLY C 18 -17.79 -24.37 3.29
CA GLY C 18 -18.71 -24.82 2.27
C GLY C 18 -20.14 -24.38 2.58
N ASN C 19 -21.09 -25.24 2.26
CA ASN C 19 -22.50 -24.93 2.49
C ASN C 19 -22.85 -24.65 3.94
N GLN C 20 -21.93 -24.88 4.85
CA GLN C 20 -22.27 -24.70 6.23
C GLN C 20 -22.59 -23.26 6.49
N PHE C 21 -22.01 -22.38 5.68
CA PHE C 21 -22.13 -20.95 5.94
C PHE C 21 -23.55 -20.43 5.92
N TRP C 22 -24.31 -20.86 4.93
CA TRP C 22 -25.66 -20.38 4.78
C TRP C 22 -26.67 -21.36 5.31
N THR C 23 -26.17 -22.54 5.70
CA THR C 23 -27.02 -23.62 6.19
C THR C 23 -27.12 -23.62 7.73
N ILE C 24 -25.98 -23.44 8.39
CA ILE C 24 -25.95 -23.48 9.85
C ILE C 24 -25.19 -22.32 10.46
N GLY C 25 -24.72 -21.37 9.63
CA GLY C 25 -23.97 -20.23 10.12
C GLY C 25 -24.84 -19.18 10.77
N ARG C 26 -24.20 -18.22 11.45
CA ARG C 26 -24.91 -17.10 12.08
C ARG C 26 -25.77 -16.47 11.05
N VAL C 27 -27.03 -16.32 11.39
CA VAL C 27 -27.97 -15.78 10.44
C VAL C 27 -27.76 -14.31 10.15
N ALA C 28 -27.28 -13.56 11.13
CA ALA C 28 -26.94 -12.14 10.95
C ALA C 28 -25.69 -11.93 10.08
N ALA C 29 -25.00 -13.02 9.78
CA ALA C 29 -23.74 -12.94 9.07
C ALA C 29 -23.98 -12.90 7.56
N ARG C 30 -25.21 -13.15 7.14
CA ARG C 30 -25.59 -12.95 5.75
C ARG C 30 -26.68 -11.88 5.61
N PRO C 31 -26.86 -11.37 4.38
CA PRO C 31 -27.93 -10.36 4.24
C PRO C 31 -29.33 -10.98 4.50
N SER C 32 -30.19 -10.26 5.19
CA SER C 32 -31.60 -10.68 5.28
C SER C 32 -32.40 -10.50 3.97
N ASP C 33 -33.64 -10.96 3.96
CA ASP C 33 -34.47 -10.80 2.76
C ASP C 33 -34.60 -9.35 2.36
N ARG C 34 -34.80 -8.43 3.33
CA ARG C 34 -34.89 -7.01 3.02
C ARG C 34 -33.62 -6.52 2.36
N GLU C 35 -32.47 -6.97 2.89
CA GLU C 35 -31.21 -6.52 2.35
C GLU C 35 -30.93 -7.14 0.97
N ASN C 36 -31.45 -8.32 0.71
CA ASN C 36 -31.35 -8.84 -0.65
C ASN C 36 -32.07 -7.90 -1.63
N ASP C 37 -33.22 -7.41 -1.22
CA ASP C 37 -34.00 -6.56 -2.11
C ASP C 37 -33.26 -5.24 -2.35
N ILE C 38 -32.76 -4.65 -1.28
CA ILE C 38 -31.93 -3.45 -1.38
C ILE C 38 -30.70 -3.58 -2.30
N PHE C 39 -30.00 -4.71 -2.20
CA PHE C 39 -28.86 -4.97 -3.06
C PHE C 39 -29.31 -5.00 -4.51
N LEU C 40 -30.56 -5.43 -4.70
CA LEU C 40 -31.14 -5.60 -6.03
C LEU C 40 -32.05 -4.45 -6.55
N GLU C 41 -32.14 -3.35 -5.81
CA GLU C 41 -32.99 -2.23 -6.24
C GLU C 41 -32.62 -1.66 -7.60
N ASN C 42 -33.57 -1.63 -8.52
CA ASN C 42 -33.38 -1.00 -9.82
C ASN C 42 -32.65 -1.90 -10.76
N ILE C 43 -32.54 -3.16 -10.38
CA ILE C 43 -31.96 -4.14 -11.27
C ILE C 43 -33.09 -4.95 -11.86
N VAL C 44 -33.15 -4.92 -13.18
CA VAL C 44 -34.33 -5.38 -13.87
C VAL C 44 -34.01 -6.66 -14.56
N PRO C 45 -35.04 -7.43 -14.97
CA PRO C 45 -34.82 -8.67 -15.70
C PRO C 45 -33.91 -8.37 -16.87
N GLY C 46 -32.91 -9.21 -17.09
CA GLY C 46 -32.03 -9.10 -18.23
C GLY C 46 -30.75 -8.35 -17.97
N SER C 47 -30.64 -7.68 -16.82
CA SER C 47 -29.36 -7.11 -16.40
C SER C 47 -28.36 -8.22 -16.14
N THR C 48 -27.10 -7.98 -16.41
CA THR C 48 -26.07 -8.97 -16.09
C THR C 48 -25.53 -8.61 -14.73
N VAL C 49 -25.46 -9.59 -13.86
CA VAL C 49 -24.97 -9.33 -12.52
C VAL C 49 -23.86 -10.32 -12.14
N ALA C 50 -22.77 -9.82 -11.59
CA ALA C 50 -21.77 -10.71 -11.01
C ALA C 50 -21.83 -10.63 -9.48
N VAL C 51 -21.88 -11.76 -8.81
CA VAL C 51 -21.75 -11.75 -7.36
C VAL C 51 -20.40 -12.31 -6.93
N ILE C 52 -19.64 -11.53 -6.16
CA ILE C 52 -18.41 -12.06 -5.64
C ILE C 52 -18.76 -12.69 -4.31
N GLY C 53 -18.64 -14.01 -4.23
CA GLY C 53 -18.90 -14.71 -2.99
C GLY C 53 -20.00 -15.73 -3.16
N ALA C 54 -19.60 -16.97 -3.40
CA ALA C 54 -20.56 -18.02 -3.61
C ALA C 54 -21.23 -18.40 -2.30
N SER C 55 -20.79 -17.80 -1.22
CA SER C 55 -21.39 -18.07 0.08
C SER C 55 -22.73 -17.34 0.23
N THR C 56 -22.91 -16.25 -0.49
CA THR C 56 -24.19 -15.49 -0.44
C THR C 56 -25.32 -16.14 -1.24
N ARG C 57 -25.59 -17.41 -0.95
CA ARG C 57 -26.53 -18.23 -1.69
C ARG C 57 -27.92 -17.61 -1.97
N PHE C 58 -28.50 -16.93 -1.00
CA PHE C 58 -29.88 -16.45 -1.09
C PHE C 58 -29.98 -15.16 -1.85
N LEU C 59 -28.96 -14.33 -1.70
CA LEU C 59 -28.82 -13.20 -2.60
C LEU C 59 -28.72 -13.65 -4.07
N ILE C 60 -27.94 -14.68 -4.31
CA ILE C 60 -27.80 -15.18 -5.66
C ILE C 60 -29.18 -15.65 -6.18
N GLU C 61 -29.94 -16.30 -5.32
CA GLU C 61 -31.23 -16.83 -5.72
C GLU C 61 -32.19 -15.68 -6.04
N LYS C 62 -32.24 -14.68 -5.16
CA LYS C 62 -33.05 -13.52 -5.36
C LYS C 62 -32.72 -12.79 -6.69
N ALA C 63 -31.44 -12.60 -7.02
CA ALA C 63 -31.07 -12.10 -8.35
C ALA C 63 -31.47 -13.04 -9.54
N LEU C 64 -31.50 -14.35 -9.31
CA LEU C 64 -31.97 -15.25 -10.36
C LEU C 64 -33.46 -15.07 -10.50
N GLU C 65 -34.19 -15.08 -9.39
CA GLU C 65 -35.64 -14.94 -9.50
C GLU C 65 -36.03 -13.61 -10.18
N ARG C 66 -35.17 -12.61 -10.14
CA ARG C 66 -35.49 -11.29 -10.64
C ARG C 66 -35.39 -11.26 -12.16
N GLY C 67 -34.68 -12.25 -12.70
CA GLY C 67 -34.44 -12.31 -14.13
C GLY C 67 -33.10 -11.80 -14.61
N ALA C 68 -32.18 -11.50 -13.70
CA ALA C 68 -30.83 -11.15 -14.12
C ALA C 68 -30.08 -12.38 -14.63
N SER C 69 -29.11 -12.15 -15.51
CA SER C 69 -28.13 -13.17 -15.88
C SER C 69 -26.99 -13.09 -14.88
N VAL C 70 -26.84 -14.12 -14.06
CA VAL C 70 -25.92 -14.09 -12.94
C VAL C 70 -24.65 -14.95 -13.14
N THR C 71 -23.50 -14.34 -12.87
CA THR C 71 -22.27 -15.08 -12.74
C THR C 71 -21.81 -14.94 -11.27
N VAL C 72 -21.39 -16.04 -10.67
CA VAL C 72 -20.86 -16.01 -9.30
C VAL C 72 -19.37 -16.29 -9.30
N PHE C 73 -18.60 -15.43 -8.64
CA PHE C 73 -17.16 -15.57 -8.58
C PHE C 73 -16.68 -15.89 -7.15
N ASP C 74 -15.83 -16.90 -7.02
CA ASP C 74 -15.29 -17.29 -5.73
C ASP C 74 -13.94 -17.93 -5.90
N PHE C 75 -13.02 -17.66 -4.98
CA PHE C 75 -11.69 -18.30 -5.10
C PHE C 75 -11.60 -19.70 -4.51
N SER C 76 -12.61 -20.09 -3.73
CA SER C 76 -12.66 -21.42 -3.15
C SER C 76 -13.45 -22.45 -3.98
N GLN C 77 -12.75 -23.48 -4.46
CA GLN C 77 -13.33 -24.60 -5.19
C GLN C 77 -14.52 -25.30 -4.47
N ARG C 78 -14.43 -25.49 -3.15
CA ARG C 78 -15.56 -26.10 -2.43
C ARG C 78 -16.83 -25.20 -2.36
N MSE C 79 -16.63 -23.88 -2.26
CA MSE C 79 -17.74 -22.91 -2.27
C MSE C 79 -18.40 -22.92 -3.64
O MSE C 79 -19.62 -22.96 -3.73
CB MSE C 79 -17.27 -21.48 -1.98
CG MSE C 79 -16.74 -21.23 -0.56
SE MSE C 79 -17.95 -21.55 0.96
CE MSE C 79 -19.64 -21.13 0.12
N CYS C 80 -17.61 -22.90 -4.69
CA CYS C 80 -18.12 -23.03 -6.03
C CYS C 80 -18.98 -24.28 -6.20
N ASP C 81 -18.41 -25.41 -5.80
CA ASP C 81 -19.12 -26.71 -5.85
C ASP C 81 -20.33 -26.83 -4.93
N ASP C 82 -20.24 -26.38 -3.68
CA ASP C 82 -21.38 -26.51 -2.77
C ASP C 82 -22.57 -25.65 -3.28
N LEU C 83 -22.23 -24.55 -3.94
CA LEU C 83 -23.24 -23.65 -4.42
C LEU C 83 -23.84 -24.19 -5.69
N ALA C 84 -22.97 -24.68 -6.59
CA ALA C 84 -23.47 -25.35 -7.81
C ALA C 84 -24.54 -26.43 -7.48
N GLU C 85 -24.29 -27.21 -6.44
CA GLU C 85 -25.22 -28.24 -6.00
C GLU C 85 -26.55 -27.63 -5.60
N ALA C 86 -26.49 -26.59 -4.77
CA ALA C 86 -27.70 -26.01 -4.23
C ALA C 86 -28.58 -25.34 -5.28
N LEU C 87 -27.98 -24.95 -6.40
CA LEU C 87 -28.69 -24.26 -7.47
C LEU C 87 -28.70 -25.11 -8.74
N ALA C 88 -28.93 -26.41 -8.60
CA ALA C 88 -28.63 -27.33 -9.72
C ALA C 88 -29.70 -27.21 -10.80
N ASP C 89 -30.92 -26.95 -10.34
CA ASP C 89 -32.03 -26.75 -11.23
C ASP C 89 -31.99 -25.39 -11.99
N ARG C 90 -31.16 -24.46 -11.54
CA ARG C 90 -31.20 -23.10 -12.05
C ARG C 90 -30.15 -22.82 -13.12
N CYS C 91 -30.37 -21.80 -13.93
CA CYS C 91 -29.39 -21.44 -14.95
C CYS C 91 -28.49 -20.27 -14.50
N VAL C 92 -27.27 -20.60 -14.09
CA VAL C 92 -26.37 -19.64 -13.46
C VAL C 92 -24.94 -20.06 -13.78
N THR C 93 -24.03 -19.10 -13.86
CA THR C 93 -22.62 -19.41 -14.10
C THR C 93 -21.82 -19.17 -12.83
N ILE C 94 -20.88 -20.08 -12.56
CA ILE C 94 -20.12 -20.04 -11.31
C ILE C 94 -18.70 -20.33 -11.65
N ASP C 95 -17.80 -19.38 -11.44
CA ASP C 95 -16.42 -19.57 -11.82
C ASP C 95 -15.49 -19.33 -10.69
N LEU C 96 -14.41 -20.08 -10.71
CA LEU C 96 -13.33 -19.91 -9.77
C LEU C 96 -12.45 -18.72 -10.15
N LEU C 97 -12.44 -17.69 -9.29
CA LEU C 97 -11.77 -16.42 -9.58
C LEU C 97 -11.39 -15.70 -8.29
N ASP C 98 -10.24 -15.04 -8.29
CA ASP C 98 -9.81 -14.31 -7.09
C ASP C 98 -9.84 -12.80 -7.36
N ILE C 99 -10.70 -12.02 -6.67
CA ILE C 99 -10.76 -10.55 -6.99
C ILE C 99 -9.56 -9.70 -6.55
N THR C 100 -8.58 -10.27 -5.83
CA THR C 100 -7.40 -9.51 -5.49
C THR C 100 -6.33 -9.66 -6.56
N ALA C 101 -6.57 -10.63 -7.44
CA ALA C 101 -5.79 -10.87 -8.66
C ALA C 101 -6.29 -10.05 -9.83
N GLU C 102 -5.40 -9.87 -10.79
CA GLU C 102 -5.79 -9.18 -12.00
C GLU C 102 -7.01 -9.86 -12.60
N ILE C 103 -7.91 -9.03 -13.12
CA ILE C 103 -9.09 -9.51 -13.84
C ILE C 103 -8.75 -9.96 -15.27
N PRO C 104 -9.17 -11.19 -15.64
CA PRO C 104 -8.99 -11.61 -17.04
C PRO C 104 -9.60 -10.57 -17.98
N LYS C 105 -8.93 -10.25 -19.10
CA LYS C 105 -9.45 -9.25 -20.05
C LYS C 105 -10.83 -9.58 -20.66
N GLU C 106 -11.10 -10.86 -20.86
CA GLU C 106 -12.39 -11.30 -21.40
C GLU C 106 -13.60 -10.82 -20.56
N LEU C 107 -13.35 -10.58 -19.27
CA LEU C 107 -14.39 -10.20 -18.32
C LEU C 107 -14.49 -8.68 -18.14
N ALA C 108 -13.45 -7.98 -18.53
CA ALA C 108 -13.45 -6.53 -18.45
C ALA C 108 -14.74 -5.99 -19.04
N GLY C 109 -15.46 -5.19 -18.26
CA GLY C 109 -16.66 -4.48 -18.70
C GLY C 109 -17.85 -5.36 -19.05
N HIS C 110 -17.84 -6.57 -18.54
CA HIS C 110 -18.81 -7.56 -18.96
C HIS C 110 -20.13 -7.55 -18.17
N PHE C 111 -20.19 -6.80 -17.05
CA PHE C 111 -21.34 -6.80 -16.14
C PHE C 111 -21.87 -5.42 -15.82
N ASP C 112 -23.20 -5.33 -15.72
CA ASP C 112 -23.86 -4.08 -15.40
C ASP C 112 -23.72 -3.71 -13.96
N PHE C 113 -23.72 -4.75 -13.14
CA PHE C 113 -23.59 -4.62 -11.72
C PHE C 113 -22.64 -5.67 -11.18
N VAL C 114 -21.94 -5.31 -10.13
CA VAL C 114 -21.20 -6.28 -9.34
C VAL C 114 -21.72 -6.15 -7.90
N LEU C 115 -22.12 -7.28 -7.30
CA LEU C 115 -22.59 -7.29 -5.91
C LEU C 115 -21.66 -8.07 -4.97
N ASN C 116 -21.50 -7.59 -3.74
CA ASN C 116 -20.97 -8.42 -2.64
C ASN C 116 -21.29 -7.88 -1.26
N ASP C 117 -21.49 -8.80 -0.30
CA ASP C 117 -21.86 -8.48 1.07
C ASP C 117 -20.75 -8.81 2.03
N ARG C 118 -20.20 -7.77 2.67
CA ARG C 118 -19.13 -7.91 3.68
C ARG C 118 -17.91 -8.74 3.20
N LEU C 119 -17.58 -8.60 1.94
CA LEU C 119 -16.50 -9.35 1.38
C LEU C 119 -15.23 -8.54 1.66
N ILE C 120 -15.35 -7.23 1.54
CA ILE C 120 -14.24 -6.36 1.89
C ILE C 120 -13.73 -6.62 3.29
N ASN C 121 -14.56 -7.16 4.17
CA ASN C 121 -14.14 -7.39 5.55
C ASN C 121 -13.15 -8.53 5.66
N ARG C 122 -12.90 -9.20 4.56
CA ARG C 122 -12.21 -10.48 4.53
C ARG C 122 -10.83 -10.23 3.92
N PHE C 123 -10.42 -8.97 3.97
CA PHE C 123 -9.26 -8.49 3.27
C PHE C 123 -8.35 -7.65 4.18
N THR C 124 -7.07 -7.55 3.84
CA THR C 124 -6.26 -6.43 4.37
C THR C 124 -6.54 -5.17 3.56
N THR C 125 -6.03 -4.03 4.01
CA THR C 125 -6.15 -2.78 3.31
C THR C 125 -5.66 -2.86 1.88
N GLU C 126 -4.42 -3.33 1.71
CA GLU C 126 -3.83 -3.45 0.38
C GLU C 126 -4.56 -4.47 -0.49
N GLU C 127 -5.16 -5.46 0.14
CA GLU C 127 -5.98 -6.44 -0.56
C GLU C 127 -7.34 -5.84 -0.98
N ALA C 128 -7.90 -5.02 -0.11
CA ALA C 128 -9.16 -4.38 -0.39
C ALA C 128 -9.03 -3.43 -1.57
N ARG C 129 -7.85 -2.84 -1.76
CA ARG C 129 -7.64 -1.90 -2.86
C ARG C 129 -7.59 -2.66 -4.17
N ARG C 130 -6.84 -3.77 -4.20
CA ARG C 130 -6.84 -4.66 -5.36
C ARG C 130 -8.24 -5.15 -5.69
N ALA C 131 -8.95 -5.58 -4.66
CA ALA C 131 -10.33 -6.03 -4.80
C ALA C 131 -11.27 -4.96 -5.43
N CYS C 132 -11.26 -3.75 -4.89
CA CYS C 132 -12.10 -2.68 -5.42
C CYS C 132 -11.76 -2.38 -6.88
N LEU C 133 -10.46 -2.40 -7.17
CA LEU C 133 -9.98 -2.25 -8.53
C LEU C 133 -10.59 -3.31 -9.44
N GLY C 134 -10.70 -4.53 -8.92
CA GLY C 134 -11.24 -5.63 -9.65
C GLY C 134 -12.73 -5.47 -9.91
N MSE C 135 -13.47 -5.01 -8.91
CA MSE C 135 -14.90 -4.87 -9.12
C MSE C 135 -15.18 -3.80 -10.18
O MSE C 135 -16.04 -3.96 -11.05
CB MSE C 135 -15.59 -4.53 -7.81
CG MSE C 135 -15.42 -5.53 -6.70
SE MSE C 135 -15.92 -4.83 -4.94
CE MSE C 135 -14.91 -6.10 -3.84
N LEU C 136 -14.44 -2.69 -10.13
CA LEU C 136 -14.57 -1.70 -11.18
C LEU C 136 -14.21 -2.28 -12.56
N SER C 137 -13.10 -3.02 -12.60
CA SER C 137 -12.69 -3.70 -13.82
C SER C 137 -13.86 -4.46 -14.46
N LEU C 138 -14.54 -5.28 -13.66
CA LEU C 138 -15.62 -6.11 -14.15
C LEU C 138 -16.74 -5.26 -14.74
N VAL C 139 -17.10 -4.19 -14.03
CA VAL C 139 -18.39 -3.54 -14.22
C VAL C 139 -18.36 -2.61 -15.42
N GLY C 140 -17.17 -2.30 -15.90
CA GLY C 140 -16.98 -1.26 -16.89
C GLY C 140 -17.63 0.05 -16.49
N SER C 141 -18.65 0.46 -17.24
CA SER C 141 -19.41 1.66 -16.92
C SER C 141 -20.49 1.37 -15.89
N GLY C 142 -20.46 0.16 -15.34
CA GLY C 142 -21.55 -0.32 -14.51
C GLY C 142 -21.48 0.22 -13.08
N THR C 143 -22.26 -0.39 -12.19
CA THR C 143 -22.22 -0.03 -10.77
C THR C 143 -21.68 -1.18 -9.93
N VAL C 144 -20.93 -0.83 -8.89
CA VAL C 144 -20.56 -1.80 -7.87
C VAL C 144 -21.40 -1.46 -6.66
N ARG C 145 -21.95 -2.51 -6.06
CA ARG C 145 -22.63 -2.45 -4.76
C ARG C 145 -21.92 -3.39 -3.74
N ALA C 146 -21.17 -2.82 -2.80
CA ALA C 146 -20.38 -3.56 -1.83
C ALA C 146 -20.70 -3.10 -0.42
N SER C 147 -21.11 -4.03 0.43
CA SER C 147 -21.35 -3.63 1.83
C SER C 147 -20.14 -3.95 2.69
N VAL C 148 -19.92 -3.13 3.69
CA VAL C 148 -18.85 -3.37 4.65
C VAL C 148 -19.40 -3.28 6.09
N LYS C 149 -19.13 -4.28 6.92
CA LYS C 149 -19.41 -4.17 8.34
C LYS C 149 -18.40 -3.16 8.91
N LEU C 150 -18.86 -2.14 9.63
CA LEU C 150 -17.97 -1.07 10.08
C LEU C 150 -17.66 -1.31 11.56
N GLY C 151 -16.46 -0.89 11.99
CA GLY C 151 -16.07 -0.93 13.40
C GLY C 151 -15.62 -2.31 13.83
N PHE C 152 -15.56 -2.56 15.13
CA PHE C 152 -15.05 -3.85 15.62
C PHE C 152 -16.14 -4.88 15.67
N TYR C 153 -15.78 -6.10 15.32
CA TYR C 153 -16.66 -7.25 15.49
C TYR C 153 -16.71 -7.61 16.98
N ASP C 154 -17.70 -8.43 17.34
CA ASP C 154 -17.79 -8.91 18.72
C ASP C 154 -16.48 -9.57 19.16
N ILE C 155 -16.03 -10.55 18.38
CA ILE C 155 -14.79 -11.25 18.69
C ILE C 155 -13.59 -10.32 18.88
N ASP C 156 -13.62 -9.18 18.20
CA ASP C 156 -12.57 -8.19 18.32
C ASP C 156 -12.55 -7.60 19.71
N LEU C 157 -13.71 -7.33 20.26
CA LEU C 157 -13.74 -6.67 21.55
C LEU C 157 -13.07 -7.58 22.56
N LYS C 158 -13.21 -8.89 22.37
CA LYS C 158 -12.68 -9.92 23.28
C LYS C 158 -11.21 -10.24 23.01
N LEU C 159 -10.83 -10.24 21.74
CA LEU C 159 -9.45 -10.35 21.39
C LEU C 159 -8.72 -9.19 22.03
N ILE C 160 -9.24 -7.98 21.91
CA ILE C 160 -8.58 -6.82 22.49
C ILE C 160 -8.55 -6.88 24.04
N GLU C 161 -9.67 -7.22 24.68
CA GLU C 161 -9.71 -7.39 26.13
C GLU C 161 -8.75 -8.48 26.63
N TYR C 162 -9.00 -9.72 26.29
CA TYR C 162 -8.10 -10.81 26.63
C TYR C 162 -6.68 -10.60 26.20
N GLY C 163 -6.50 -9.84 25.16
CA GLY C 163 -5.18 -9.57 24.64
C GLY C 163 -4.33 -8.62 25.48
N GLU C 164 -4.92 -7.51 25.94
CA GLU C 164 -4.26 -6.60 26.86
C GLU C 164 -3.96 -7.30 28.19
N GLN C 165 -4.87 -8.19 28.61
CA GLN C 165 -4.68 -8.96 29.83
C GLN C 165 -3.61 -10.03 29.69
N SER C 166 -2.82 -9.97 28.63
CA SER C 166 -1.67 -10.86 28.49
C SER C 166 -0.50 -10.07 27.96
N GLY C 167 -0.66 -8.75 27.86
CA GLY C 167 0.36 -7.93 27.20
C GLY C 167 0.79 -8.60 25.91
N THR C 168 -0.13 -9.34 25.32
CA THR C 168 0.16 -10.11 24.13
C THR C 168 -0.42 -9.43 22.89
N LEU C 169 -1.08 -8.29 23.05
CA LEU C 169 -1.87 -7.70 21.97
C LEU C 169 -1.06 -7.38 20.71
N ALA C 170 0.09 -6.71 20.92
CA ALA C 170 0.95 -6.25 19.83
C ALA C 170 1.50 -7.38 18.98
N LYS C 171 1.37 -8.61 19.46
CA LYS C 171 1.75 -9.75 18.65
C LYS C 171 0.82 -10.01 17.45
N PHE C 172 -0.43 -9.58 17.55
CA PHE C 172 -1.45 -9.94 16.56
C PHE C 172 -2.42 -8.82 16.17
N PHE C 173 -2.15 -7.61 16.63
CA PHE C 173 -2.99 -6.48 16.28
C PHE C 173 -2.17 -5.21 16.03
N ASP C 174 -2.14 -4.79 14.77
CA ASP C 174 -1.48 -3.58 14.37
C ASP C 174 -2.46 -2.40 14.37
N PRO C 175 -2.23 -1.40 15.22
CA PRO C 175 -3.15 -0.25 15.31
C PRO C 175 -3.04 0.74 14.14
N SER C 176 -2.07 0.56 13.26
CA SER C 176 -1.79 1.53 12.18
C SER C 176 -2.92 1.60 11.16
N ASP C 177 -3.60 0.46 10.98
CA ASP C 177 -4.81 0.39 10.18
C ASP C 177 -5.77 -0.62 10.79
N LYS C 178 -5.47 -1.07 12.00
CA LYS C 178 -6.38 -1.92 12.75
C LYS C 178 -6.58 -3.29 12.13
N THR C 179 -5.50 -4.01 11.89
CA THR C 179 -5.55 -5.30 11.21
C THR C 179 -5.31 -6.38 12.22
N PHE C 180 -6.13 -7.43 12.22
CA PHE C 180 -5.94 -8.52 13.12
C PHE C 180 -5.20 -9.68 12.44
N HIS C 181 -4.26 -10.30 13.14
CA HIS C 181 -3.68 -11.53 12.64
C HIS C 181 -4.07 -12.68 13.54
N PHE C 182 -5.16 -13.34 13.18
CA PHE C 182 -5.83 -14.18 14.15
C PHE C 182 -4.95 -15.30 14.64
N ARG C 183 -4.38 -16.09 13.73
CA ARG C 183 -3.53 -17.24 14.08
C ARG C 183 -2.49 -16.88 15.16
N GLU C 184 -2.01 -15.64 15.11
CA GLU C 184 -0.97 -15.20 16.00
C GLU C 184 -1.43 -14.61 17.34
N ALA C 185 -2.65 -14.91 17.75
CA ALA C 185 -3.11 -14.45 19.04
C ALA C 185 -3.12 -15.65 19.97
N GLY C 186 -2.68 -16.78 19.41
CA GLY C 186 -2.54 -18.00 20.19
C GLY C 186 -3.78 -18.33 21.02
N ASP C 187 -3.56 -18.53 22.32
CA ASP C 187 -4.63 -18.92 23.22
C ASP C 187 -5.71 -17.85 23.26
N VAL C 188 -5.33 -16.60 23.02
CA VAL C 188 -6.31 -15.55 23.12
C VAL C 188 -7.45 -15.80 22.10
N LEU C 189 -7.11 -16.31 20.93
CA LEU C 189 -8.12 -16.65 19.95
C LEU C 189 -9.17 -17.60 20.50
N ASP C 190 -8.78 -18.80 20.91
CA ASP C 190 -9.73 -19.77 21.45
C ASP C 190 -10.64 -19.14 22.53
N ARG C 191 -10.08 -18.27 23.36
CA ARG C 191 -10.80 -17.72 24.51
C ARG C 191 -11.81 -16.68 24.07
N ALA C 192 -11.65 -16.20 22.84
CA ALA C 192 -12.37 -15.04 22.34
C ALA C 192 -13.39 -15.41 21.29
N LEU C 193 -13.38 -16.68 20.88
CA LEU C 193 -14.36 -17.12 19.90
C LEU C 193 -15.80 -16.76 20.30
N VAL C 194 -16.54 -16.19 19.36
CA VAL C 194 -17.97 -16.02 19.56
C VAL C 194 -18.66 -17.05 18.67
N PRO C 195 -19.93 -17.35 18.97
CA PRO C 195 -20.65 -18.39 18.24
C PRO C 195 -20.95 -17.96 16.80
N HIS C 196 -21.00 -18.93 15.91
CA HIS C 196 -21.46 -18.67 14.56
C HIS C 196 -22.56 -19.68 14.21
N GLY C 197 -23.76 -19.44 14.74
CA GLY C 197 -24.83 -20.39 14.56
C GLY C 197 -24.47 -21.71 15.21
N LEU C 198 -24.41 -22.77 14.42
CA LEU C 198 -24.11 -24.10 14.91
C LEU C 198 -22.77 -24.66 14.39
N ILE C 199 -21.95 -23.82 13.77
CA ILE C 199 -20.62 -24.26 13.34
C ILE C 199 -19.80 -24.50 14.62
N ASP C 200 -19.18 -25.70 14.73
CA ASP C 200 -18.45 -26.13 15.94
C ASP C 200 -17.09 -25.42 16.15
N LYS C 201 -16.69 -25.20 17.41
CA LYS C 201 -15.46 -24.45 17.72
C LYS C 201 -14.15 -24.87 17.00
N PRO C 202 -13.95 -26.18 16.74
CA PRO C 202 -12.73 -26.58 16.00
C PRO C 202 -12.70 -26.00 14.58
N THR C 203 -13.85 -26.12 13.90
CA THR C 203 -14.06 -25.46 12.63
C THR C 203 -13.87 -23.92 12.73
N LEU C 204 -14.50 -23.24 13.68
CA LEU C 204 -14.37 -21.78 13.74
C LEU C 204 -12.92 -21.40 13.88
N LEU C 205 -12.23 -22.17 14.71
CA LEU C 205 -10.86 -21.93 15.11
C LEU C 205 -9.90 -22.13 13.94
N GLU C 206 -10.00 -23.26 13.26
CA GLU C 206 -9.16 -23.42 12.06
C GLU C 206 -9.50 -22.40 10.94
N TRP C 207 -10.78 -22.06 10.81
CA TRP C 207 -11.25 -21.03 9.89
C TRP C 207 -10.60 -19.68 10.18
N TYR C 208 -10.56 -19.24 11.44
CA TYR C 208 -9.93 -17.95 11.77
C TYR C 208 -8.43 -18.03 11.52
N ARG C 209 -7.82 -19.15 11.86
N ARG C 209 -7.83 -19.16 11.86
CA ARG C 209 -6.39 -19.30 11.66
CA ARG C 209 -6.40 -19.33 11.67
C ARG C 209 -6.05 -19.19 10.18
C ARG C 209 -6.05 -19.21 10.20
N ARG C 210 -6.81 -19.92 9.35
CA ARG C 210 -6.55 -19.95 7.92
C ARG C 210 -6.90 -18.63 7.25
N ARG C 211 -7.70 -17.82 7.95
CA ARG C 211 -8.21 -16.57 7.38
C ARG C 211 -7.12 -15.52 7.31
N GLY C 212 -6.10 -15.66 8.15
CA GLY C 212 -4.93 -14.80 8.10
C GLY C 212 -5.21 -13.42 8.67
N LYS C 213 -4.90 -12.39 7.89
CA LYS C 213 -5.00 -11.02 8.37
C LYS C 213 -6.24 -10.33 7.81
N GLU C 214 -6.91 -9.55 8.65
CA GLU C 214 -8.08 -8.80 8.23
C GLU C 214 -8.08 -7.39 8.83
N THR C 215 -8.30 -6.39 7.99
CA THR C 215 -8.34 -5.00 8.45
C THR C 215 -9.78 -4.66 8.87
N ARG C 216 -9.94 -3.91 9.97
CA ARG C 216 -11.29 -3.38 10.32
C ARG C 216 -11.48 -1.98 9.75
N PHE C 217 -12.72 -1.66 9.34
CA PHE C 217 -13.01 -0.37 8.72
C PHE C 217 -14.07 0.42 9.46
N ASP C 218 -13.86 1.73 9.51
CA ASP C 218 -14.89 2.69 9.85
C ASP C 218 -15.31 3.30 8.52
N ASP C 219 -16.44 4.03 8.50
CA ASP C 219 -16.87 4.71 7.30
C ASP C 219 -15.75 5.50 6.62
N GLU C 220 -15.07 6.33 7.39
CA GLU C 220 -13.95 7.10 6.88
C GLU C 220 -12.84 6.22 6.27
N ASP C 221 -12.61 5.02 6.83
CA ASP C 221 -11.65 4.11 6.19
C ASP C 221 -12.11 3.57 4.82
N VAL C 222 -13.41 3.30 4.69
CA VAL C 222 -13.90 2.77 3.43
C VAL C 222 -13.81 3.82 2.32
N ARG C 223 -14.12 5.07 2.65
CA ARG C 223 -14.01 6.18 1.71
C ARG C 223 -12.56 6.49 1.28
N ALA C 224 -11.63 6.27 2.20
CA ALA C 224 -10.23 6.50 1.92
C ALA C 224 -9.74 5.44 0.96
N LEU C 225 -10.20 4.20 1.20
CA LEU C 225 -9.91 3.10 0.32
C LEU C 225 -10.41 3.39 -1.13
N LEU C 226 -11.60 3.97 -1.26
CA LEU C 226 -12.18 4.26 -2.57
C LEU C 226 -11.56 5.47 -3.26
N SER C 227 -10.95 6.35 -2.48
CA SER C 227 -10.25 7.49 -3.06
C SER C 227 -8.73 7.32 -3.17
N HIS C 228 -8.25 6.13 -2.81
CA HIS C 228 -6.84 5.81 -2.86
C HIS C 228 -6.29 5.70 -4.26
N ASP C 229 -5.05 6.14 -4.42
CA ASP C 229 -4.31 5.98 -5.66
C ASP C 229 -4.38 4.60 -6.35
N VAL C 230 -4.33 3.51 -5.58
CA VAL C 230 -4.31 2.18 -6.20
C VAL C 230 -5.64 1.91 -6.86
N VAL C 231 -6.71 2.35 -6.21
CA VAL C 231 -8.07 2.18 -6.73
C VAL C 231 -8.37 3.18 -7.80
N ASN C 232 -7.67 4.30 -7.83
CA ASN C 232 -7.98 5.37 -8.81
C ASN C 232 -7.08 5.44 -10.04
N ALA C 233 -6.09 4.55 -10.09
CA ALA C 233 -5.12 4.56 -11.19
C ALA C 233 -5.73 4.44 -12.55
N ARG C 234 -6.74 3.59 -12.73
CA ARG C 234 -7.28 3.38 -14.07
C ARG C 234 -8.56 4.19 -14.30
N GLY C 235 -8.68 5.29 -13.57
CA GLY C 235 -9.84 6.17 -13.65
C GLY C 235 -10.31 6.55 -12.25
N TYR C 236 -10.72 7.80 -12.08
CA TYR C 236 -11.27 8.29 -10.81
C TYR C 236 -12.62 7.67 -10.49
N VAL C 237 -12.77 7.32 -9.21
CA VAL C 237 -13.96 6.64 -8.68
C VAL C 237 -15.02 7.64 -8.20
N THR C 238 -16.28 7.31 -8.39
CA THR C 238 -17.39 8.10 -7.87
C THR C 238 -18.19 7.30 -6.82
N LEU C 239 -18.40 7.87 -5.64
CA LEU C 239 -19.31 7.29 -4.66
C LEU C 239 -20.72 7.84 -4.89
N GLU C 240 -21.55 7.10 -5.61
CA GLU C 240 -22.91 7.53 -5.93
C GLU C 240 -23.79 7.58 -4.67
N LYS C 241 -23.66 6.55 -3.81
CA LYS C 241 -24.31 6.57 -2.52
C LYS C 241 -23.79 5.57 -1.51
N ALA C 242 -24.21 5.76 -0.27
CA ALA C 242 -23.87 4.90 0.85
C ALA C 242 -25.06 4.84 1.81
N VAL C 243 -25.65 3.67 1.96
CA VAL C 243 -26.80 3.56 2.83
C VAL C 243 -26.48 2.60 3.92
N GLU C 244 -26.93 2.90 5.13
CA GLU C 244 -26.69 2.00 6.26
C GLU C 244 -27.85 1.02 6.44
N LEU C 245 -27.50 -0.26 6.57
CA LEU C 245 -28.46 -1.34 6.33
C LEU C 245 -29.33 -1.60 7.56
N PRO C 246 -30.53 -2.10 7.33
CA PRO C 246 -31.53 -2.22 8.39
C PRO C 246 -31.15 -3.30 9.41
N ASP C 247 -31.00 -4.53 8.94
CA ASP C 247 -30.93 -5.68 9.83
C ASP C 247 -29.50 -5.94 10.28
N ALA C 248 -28.57 -5.91 9.33
CA ALA C 248 -27.21 -6.38 9.57
C ALA C 248 -26.48 -5.49 10.56
N PRO C 249 -25.55 -6.07 11.31
CA PRO C 249 -24.91 -5.38 12.42
C PRO C 249 -24.01 -4.24 11.94
N ASN C 250 -24.43 -3.00 12.18
CA ASN C 250 -23.63 -1.84 11.79
C ASN C 250 -22.94 -1.92 10.41
N THR C 251 -23.70 -2.14 9.35
CA THR C 251 -23.14 -2.36 8.02
C THR C 251 -23.62 -1.32 7.00
N MSE C 252 -22.71 -0.86 6.14
CA MSE C 252 -23.00 0.23 5.19
C MSE C 252 -22.93 -0.35 3.78
O MSE C 252 -22.04 -1.16 3.47
CB MSE C 252 -22.00 1.37 5.35
CG MSE C 252 -22.31 2.54 4.50
SE MSE C 252 -23.28 3.85 5.55
CE MSE C 252 -21.81 4.92 6.16
N LEU C 253 -23.87 0.04 2.93
CA LEU C 253 -23.89 -0.41 1.55
C LEU C 253 -23.38 0.71 0.65
N TYR C 254 -22.33 0.43 -0.12
CA TYR C 254 -21.65 1.48 -0.90
C TYR C 254 -21.86 1.23 -2.33
N GLN C 255 -22.47 2.21 -3.00
CA GLN C 255 -22.67 2.18 -4.43
C GLN C 255 -21.68 3.11 -5.10
N PHE C 256 -20.80 2.55 -5.90
CA PHE C 256 -19.82 3.39 -6.58
C PHE C 256 -19.58 2.96 -8.01
N SER C 257 -18.88 3.80 -8.77
CA SER C 257 -18.63 3.54 -10.19
C SER C 257 -17.44 4.35 -10.66
N ARG C 258 -17.04 4.14 -11.90
CA ARG C 258 -15.84 4.75 -12.44
C ARG C 258 -16.10 5.08 -13.93
N ARG C 259 -16.24 6.37 -14.21
CA ARG C 259 -16.71 6.84 -15.50
C ARG C 259 -16.01 8.15 -15.81
N MSE D 4 -2.63 40.62 -10.94
CA MSE D 4 -3.56 40.81 -9.82
C MSE D 4 -3.11 40.10 -8.53
O MSE D 4 -2.75 38.93 -8.52
CB MSE D 4 -4.98 40.32 -10.18
CG MSE D 4 -5.80 41.21 -11.14
SE MSE D 4 -6.05 43.12 -10.66
CE MSE D 4 -6.76 43.07 -8.82
N THR D 5 -3.16 40.85 -7.43
CA THR D 5 -3.02 40.29 -6.09
C THR D 5 -4.41 39.89 -5.53
N ILE D 6 -4.49 38.70 -4.94
CA ILE D 6 -5.75 38.28 -4.32
C ILE D 6 -5.72 38.51 -2.79
N THR D 7 -6.71 39.22 -2.26
CA THR D 7 -6.75 39.50 -0.81
C THR D 7 -8.03 39.03 -0.17
N ASN D 8 -8.45 37.82 -0.51
CA ASN D 8 -9.80 37.37 -0.24
C ASN D 8 -9.63 36.08 0.55
N SER D 9 -10.16 36.05 1.76
CA SER D 9 -9.82 34.98 2.66
C SER D 9 -10.47 33.69 2.20
N LYS D 10 -11.48 33.82 1.33
CA LYS D 10 -12.31 32.71 0.86
C LYS D 10 -11.54 31.79 -0.09
N ALA D 11 -10.56 32.37 -0.77
CA ALA D 11 -9.76 31.61 -1.69
C ALA D 11 -8.96 30.50 -0.95
N GLU D 12 -8.60 30.78 0.30
CA GLU D 12 -7.93 29.75 1.08
C GLU D 12 -8.77 28.49 1.24
N ALA D 13 -10.06 28.58 0.98
CA ALA D 13 -10.91 27.42 1.16
C ALA D 13 -10.76 26.50 -0.05
N TRP D 14 -10.45 27.12 -1.18
CA TRP D 14 -10.40 26.40 -2.45
C TRP D 14 -9.02 25.78 -2.62
N GLU D 15 -8.05 26.38 -1.97
CA GLU D 15 -6.74 25.77 -1.90
C GLU D 15 -6.74 24.40 -1.21
N LEU D 16 -7.73 24.14 -0.35
CA LEU D 16 -7.82 22.83 0.26
C LEU D 16 -8.39 21.79 -0.66
N ILE D 17 -8.97 22.23 -1.77
CA ILE D 17 -9.83 21.34 -2.52
C ILE D 17 -9.20 20.94 -3.84
N GLY D 18 -8.81 21.93 -4.63
CA GLY D 18 -8.22 21.67 -5.91
C GLY D 18 -9.05 20.78 -6.81
N ASN D 19 -8.34 20.00 -7.61
CA ASN D 19 -8.94 19.01 -8.50
C ASN D 19 -9.88 17.99 -7.85
N GLN D 20 -9.76 17.71 -6.55
CA GLN D 20 -10.70 16.77 -5.92
C GLN D 20 -12.19 17.12 -6.14
N PHE D 21 -12.47 18.34 -6.63
CA PHE D 21 -13.85 18.78 -6.82
C PHE D 21 -14.56 18.12 -8.04
N TRP D 22 -13.76 17.76 -9.05
CA TRP D 22 -14.27 17.09 -10.23
C TRP D 22 -13.64 15.71 -10.41
N THR D 23 -12.77 15.34 -9.47
CA THR D 23 -12.18 14.02 -9.45
C THR D 23 -13.03 13.05 -8.63
N ILE D 24 -12.89 13.12 -7.31
CA ILE D 24 -13.57 12.19 -6.41
C ILE D 24 -14.68 12.88 -5.63
N GLY D 25 -15.20 13.97 -6.19
CA GLY D 25 -16.21 14.77 -5.51
C GLY D 25 -17.52 14.82 -6.27
N ARG D 30 -22.51 13.97 -14.07
CA ARG D 30 -22.16 15.14 -14.88
C ARG D 30 -23.37 15.61 -15.69
N PRO D 31 -23.54 16.96 -15.86
CA PRO D 31 -24.75 17.52 -16.48
C PRO D 31 -25.00 17.06 -17.93
N SER D 32 -26.29 17.01 -18.27
CA SER D 32 -26.75 16.48 -19.55
C SER D 32 -26.52 17.45 -20.71
N ASP D 33 -26.90 17.02 -21.90
CA ASP D 33 -26.74 17.84 -23.08
C ASP D 33 -27.66 19.05 -22.99
N ARG D 34 -28.92 18.81 -22.63
CA ARG D 34 -29.90 19.89 -22.45
C ARG D 34 -29.48 20.94 -21.41
N GLU D 35 -28.63 20.54 -20.45
CA GLU D 35 -28.21 21.48 -19.43
C GLU D 35 -27.06 22.35 -19.93
N ASN D 36 -26.03 21.70 -20.47
CA ASN D 36 -24.96 22.40 -21.15
C ASN D 36 -25.41 23.25 -22.34
N ASP D 37 -26.33 22.75 -23.17
CA ASP D 37 -26.88 23.60 -24.21
C ASP D 37 -27.47 24.91 -23.70
N ILE D 38 -27.97 24.93 -22.45
CA ILE D 38 -28.65 26.14 -21.96
C ILE D 38 -27.56 27.19 -21.81
N PHE D 39 -26.45 26.76 -21.16
CA PHE D 39 -25.29 27.59 -20.82
C PHE D 39 -24.50 28.01 -22.04
N LEU D 40 -24.41 27.10 -23.01
CA LEU D 40 -23.65 27.31 -24.24
C LEU D 40 -24.44 27.77 -25.47
N GLU D 41 -25.72 28.14 -25.30
CA GLU D 41 -26.51 28.53 -26.43
C GLU D 41 -25.88 29.75 -27.13
N ASN D 42 -25.78 29.68 -28.44
CA ASN D 42 -25.23 30.77 -29.27
C ASN D 42 -23.73 30.99 -29.17
N ILE D 43 -23.06 30.07 -28.46
CA ILE D 43 -21.61 30.07 -28.41
C ILE D 43 -21.05 29.18 -29.50
N VAL D 44 -20.16 29.78 -30.31
CA VAL D 44 -19.72 29.20 -31.56
C VAL D 44 -18.20 29.38 -31.75
N PRO D 45 -17.66 28.91 -32.89
CA PRO D 45 -16.23 29.11 -33.10
C PRO D 45 -15.68 30.51 -32.88
N GLY D 46 -16.26 31.53 -33.48
CA GLY D 46 -15.77 32.85 -33.10
C GLY D 46 -15.65 33.17 -31.57
N SER D 47 -16.61 32.68 -30.78
CA SER D 47 -17.00 33.32 -29.52
C SER D 47 -15.91 33.36 -28.44
N THR D 48 -15.70 34.53 -27.87
CA THR D 48 -14.88 34.64 -26.67
C THR D 48 -15.71 34.44 -25.40
N VAL D 49 -15.32 33.46 -24.61
CA VAL D 49 -16.08 33.09 -23.45
C VAL D 49 -15.17 33.15 -22.25
N ALA D 50 -15.63 33.79 -21.19
CA ALA D 50 -14.93 33.80 -19.92
C ALA D 50 -15.76 33.02 -18.91
N VAL D 51 -15.16 32.04 -18.28
CA VAL D 51 -15.84 31.26 -17.29
C VAL D 51 -15.23 31.68 -15.95
N ILE D 52 -16.06 32.12 -15.00
CA ILE D 52 -15.61 32.33 -13.65
C ILE D 52 -15.78 31.07 -12.80
N GLY D 53 -14.68 30.55 -12.27
CA GLY D 53 -14.66 29.33 -11.49
C GLY D 53 -14.02 28.15 -12.23
N ALA D 54 -12.77 27.86 -11.87
CA ALA D 54 -12.05 26.73 -12.45
C ALA D 54 -12.66 25.39 -12.04
N SER D 55 -13.35 25.33 -10.92
CA SER D 55 -14.01 24.09 -10.53
C SER D 55 -15.04 23.57 -11.58
N THR D 56 -15.63 24.43 -12.39
CA THR D 56 -16.62 23.94 -13.35
C THR D 56 -15.97 23.40 -14.61
N ARG D 57 -15.29 22.29 -14.48
CA ARG D 57 -14.36 21.94 -15.52
C ARG D 57 -14.99 21.21 -16.71
N PHE D 58 -16.18 20.64 -16.56
CA PHE D 58 -16.81 19.99 -17.71
C PHE D 58 -17.47 21.05 -18.58
N LEU D 59 -18.13 22.00 -17.94
CA LEU D 59 -18.64 23.14 -18.65
C LEU D 59 -17.56 23.81 -19.50
N ILE D 60 -16.36 23.90 -18.94
CA ILE D 60 -15.27 24.53 -19.63
C ILE D 60 -14.86 23.68 -20.83
N GLU D 61 -14.77 22.37 -20.63
CA GLU D 61 -14.48 21.46 -21.74
C GLU D 61 -15.50 21.62 -22.84
N LYS D 62 -16.77 21.44 -22.52
CA LYS D 62 -17.84 21.62 -23.48
C LYS D 62 -17.74 22.92 -24.27
N ALA D 63 -17.32 24.01 -23.63
CA ALA D 63 -17.11 25.28 -24.34
C ALA D 63 -15.96 25.24 -25.33
N LEU D 64 -14.85 24.64 -24.90
CA LEU D 64 -13.75 24.40 -25.78
C LEU D 64 -14.20 23.48 -26.94
N GLU D 65 -15.03 22.49 -26.66
CA GLU D 65 -15.58 21.68 -27.74
C GLU D 65 -16.45 22.43 -28.78
N ARG D 66 -17.10 23.54 -28.40
CA ARG D 66 -17.84 24.38 -29.35
C ARG D 66 -16.93 25.12 -30.29
N GLY D 67 -15.68 25.30 -29.90
CA GLY D 67 -14.78 26.07 -30.73
C GLY D 67 -14.56 27.47 -30.21
N ALA D 68 -14.98 27.75 -28.96
CA ALA D 68 -14.84 29.09 -28.40
C ALA D 68 -13.39 29.39 -28.06
N SER D 69 -13.02 30.68 -27.99
CA SER D 69 -11.78 31.09 -27.27
C SER D 69 -12.05 31.32 -25.78
N VAL D 70 -11.75 30.28 -25.00
CA VAL D 70 -12.06 30.26 -23.61
C VAL D 70 -10.98 30.77 -22.68
N THR D 71 -11.37 31.64 -21.77
CA THR D 71 -10.52 32.07 -20.67
C THR D 71 -11.22 31.63 -19.41
N VAL D 72 -10.46 31.11 -18.44
CA VAL D 72 -11.01 30.85 -17.12
C VAL D 72 -10.39 31.80 -16.12
N PHE D 73 -11.23 32.36 -15.26
CA PHE D 73 -10.79 33.17 -14.13
C PHE D 73 -11.09 32.44 -12.79
N ASP D 74 -10.12 32.41 -11.88
CA ASP D 74 -10.35 31.89 -10.52
C ASP D 74 -9.48 32.62 -9.51
N PHE D 75 -9.97 32.84 -8.30
CA PHE D 75 -9.15 33.57 -7.34
C PHE D 75 -8.23 32.61 -6.53
N SER D 76 -8.28 31.32 -6.85
CA SER D 76 -7.46 30.29 -6.21
C SER D 76 -6.36 29.75 -7.12
N GLN D 77 -5.11 29.99 -6.72
CA GLN D 77 -3.98 29.48 -7.47
C GLN D 77 -3.99 27.95 -7.66
N ARG D 78 -4.39 27.22 -6.63
CA ARG D 78 -4.45 25.77 -6.72
C ARG D 78 -5.43 25.40 -7.80
N MSE D 79 -6.58 26.09 -7.80
CA MSE D 79 -7.63 25.85 -8.76
C MSE D 79 -7.15 26.14 -10.15
O MSE D 79 -7.42 25.35 -11.05
CB MSE D 79 -8.85 26.69 -8.43
CG MSE D 79 -9.53 26.22 -7.15
SE MSE D 79 -10.26 24.39 -7.30
CE MSE D 79 -10.80 24.21 -5.46
N CYS D 80 -6.42 27.22 -10.35
CA CYS D 80 -5.89 27.54 -11.68
C CYS D 80 -4.91 26.46 -12.11
N ASP D 81 -3.93 26.20 -11.23
CA ASP D 81 -2.89 25.23 -11.50
C ASP D 81 -3.45 23.86 -11.81
N ASP D 82 -4.36 23.40 -10.99
CA ASP D 82 -4.97 22.09 -11.20
C ASP D 82 -5.70 21.96 -12.52
N LEU D 83 -6.28 23.07 -12.98
CA LEU D 83 -7.05 23.06 -14.23
C LEU D 83 -6.10 23.19 -15.41
N ALA D 84 -5.07 24.04 -15.26
CA ALA D 84 -3.98 24.10 -16.25
C ALA D 84 -3.35 22.74 -16.58
N GLU D 85 -3.22 21.89 -15.56
N GLU D 85 -3.24 21.89 -15.57
CA GLU D 85 -2.68 20.54 -15.78
CA GLU D 85 -2.68 20.58 -15.82
C GLU D 85 -3.72 19.65 -16.47
C GLU D 85 -3.72 19.63 -16.45
N ALA D 86 -4.93 19.64 -15.92
CA ALA D 86 -6.00 18.88 -16.51
C ALA D 86 -6.27 19.22 -18.00
N LEU D 87 -5.96 20.44 -18.42
CA LEU D 87 -6.27 20.83 -19.80
C LEU D 87 -5.05 21.36 -20.54
N ALA D 88 -3.88 20.79 -20.25
CA ALA D 88 -2.62 21.29 -20.77
C ALA D 88 -2.62 21.35 -22.29
N ASP D 89 -3.16 20.29 -22.91
CA ASP D 89 -3.08 20.12 -24.35
C ASP D 89 -4.19 20.88 -25.09
N ARG D 90 -4.86 21.72 -24.33
CA ARG D 90 -5.99 22.46 -24.80
C ARG D 90 -5.54 23.90 -24.83
N CYS D 91 -6.20 24.72 -25.62
CA CYS D 91 -5.63 26.05 -25.73
C CYS D 91 -6.44 27.03 -24.92
N VAL D 92 -6.15 27.08 -23.63
CA VAL D 92 -6.99 27.83 -22.73
C VAL D 92 -6.19 28.87 -21.95
N THR D 93 -6.72 30.09 -21.85
CA THR D 93 -6.08 31.02 -20.96
C THR D 93 -6.66 30.83 -19.55
N ILE D 94 -5.80 30.59 -18.56
CA ILE D 94 -6.23 30.53 -17.16
C ILE D 94 -5.55 31.58 -16.28
N ASP D 95 -6.30 32.62 -15.92
CA ASP D 95 -5.76 33.74 -15.15
C ASP D 95 -6.35 33.76 -13.75
N LEU D 96 -5.53 34.25 -12.83
CA LEU D 96 -5.92 34.40 -11.45
C LEU D 96 -6.62 35.76 -11.26
N LEU D 97 -7.88 35.75 -10.82
CA LEU D 97 -8.64 36.99 -10.68
C LEU D 97 -9.83 36.84 -9.78
N ASP D 98 -10.20 37.94 -9.11
CA ASP D 98 -11.30 37.92 -8.12
C ASP D 98 -12.52 38.62 -8.71
N ILE D 99 -13.66 37.95 -8.81
CA ILE D 99 -14.74 38.50 -9.59
C ILE D 99 -15.44 39.62 -8.82
N THR D 100 -15.19 39.63 -7.50
CA THR D 100 -15.78 40.62 -6.57
C THR D 100 -14.83 41.82 -6.36
N ALA D 101 -13.84 41.95 -7.22
CA ALA D 101 -12.97 43.09 -7.13
C ALA D 101 -12.98 43.78 -8.46
N GLU D 102 -12.42 44.98 -8.50
CA GLU D 102 -12.49 45.75 -9.73
C GLU D 102 -11.79 45.02 -10.87
N ILE D 103 -12.51 44.82 -11.96
CA ILE D 103 -11.91 44.27 -13.17
C ILE D 103 -10.93 45.27 -13.76
N PRO D 104 -9.74 44.79 -14.11
CA PRO D 104 -8.67 45.43 -14.87
C PRO D 104 -9.17 46.10 -16.15
N LYS D 105 -8.64 47.26 -16.53
CA LYS D 105 -9.01 47.96 -17.76
C LYS D 105 -8.80 47.08 -19.00
N GLU D 106 -7.69 46.34 -19.03
CA GLU D 106 -7.32 45.60 -20.23
C GLU D 106 -8.17 44.36 -20.46
N LEU D 107 -8.93 43.96 -19.44
CA LEU D 107 -9.94 42.89 -19.59
C LEU D 107 -11.37 43.39 -19.90
N ALA D 108 -11.72 44.57 -19.42
CA ALA D 108 -13.06 45.11 -19.63
C ALA D 108 -13.52 45.01 -21.07
N GLY D 109 -14.70 44.42 -21.25
CA GLY D 109 -15.37 44.41 -22.55
C GLY D 109 -14.78 43.45 -23.58
N HIS D 110 -14.01 42.46 -23.12
CA HIS D 110 -13.25 41.57 -24.01
C HIS D 110 -13.89 40.21 -24.27
N PHE D 111 -15.03 39.97 -23.62
CA PHE D 111 -15.70 38.70 -23.79
C PHE D 111 -17.14 38.84 -24.28
N ASP D 112 -17.47 38.00 -25.26
CA ASP D 112 -18.80 37.91 -25.82
C ASP D 112 -19.74 37.32 -24.79
N PHE D 113 -19.19 36.45 -23.94
CA PHE D 113 -19.94 35.76 -22.91
C PHE D 113 -19.16 35.57 -21.60
N VAL D 114 -19.87 35.70 -20.49
CA VAL D 114 -19.35 35.26 -19.20
C VAL D 114 -20.31 34.26 -18.59
N LEU D 115 -19.77 33.11 -18.24
CA LEU D 115 -20.53 32.05 -17.60
C LEU D 115 -20.04 31.73 -16.20
N ASN D 116 -20.96 31.34 -15.35
CA ASN D 116 -20.58 30.75 -14.08
C ASN D 116 -21.73 29.93 -13.58
N ASP D 117 -21.40 28.94 -12.77
CA ASP D 117 -22.35 27.93 -12.36
C ASP D 117 -22.41 27.76 -10.85
N ARG D 118 -23.40 28.37 -10.22
CA ARG D 118 -23.47 28.48 -8.77
C ARG D 118 -22.24 29.14 -8.17
N LEU D 119 -21.58 30.00 -8.92
CA LEU D 119 -20.57 30.82 -8.34
C LEU D 119 -21.29 31.72 -7.32
N ILE D 120 -22.49 32.18 -7.67
CA ILE D 120 -23.18 33.12 -6.82
C ILE D 120 -23.51 32.60 -5.42
N ASN D 121 -23.64 31.29 -5.29
CA ASN D 121 -23.93 30.75 -3.98
C ASN D 121 -22.75 30.91 -3.00
N ARG D 122 -21.61 31.29 -3.53
CA ARG D 122 -20.39 31.35 -2.74
C ARG D 122 -20.19 32.74 -2.30
N PHE D 123 -21.25 33.56 -2.39
CA PHE D 123 -21.18 34.97 -2.03
C PHE D 123 -22.15 35.33 -0.91
N THR D 124 -21.86 36.44 -0.22
CA THR D 124 -22.91 37.13 0.56
C THR D 124 -23.63 38.07 -0.38
N THR D 125 -24.86 38.41 -0.03
CA THR D 125 -25.57 39.44 -0.74
C THR D 125 -24.70 40.60 -1.26
N GLU D 126 -23.85 41.18 -0.43
N GLU D 126 -23.86 41.15 -0.40
CA GLU D 126 -23.04 42.32 -0.91
CA GLU D 126 -22.99 42.27 -0.79
C GLU D 126 -21.87 41.95 -1.81
C GLU D 126 -21.99 41.88 -1.87
N GLU D 127 -21.36 40.72 -1.71
CA GLU D 127 -20.37 40.22 -2.66
C GLU D 127 -21.04 39.97 -4.01
N ALA D 128 -22.24 39.42 -4.00
CA ALA D 128 -22.94 39.09 -5.25
C ALA D 128 -23.10 40.32 -6.10
N ARG D 129 -23.63 41.39 -5.50
CA ARG D 129 -23.66 42.68 -6.20
C ARG D 129 -22.34 43.03 -6.87
N ARG D 130 -21.23 42.92 -6.15
CA ARG D 130 -19.96 43.33 -6.73
C ARG D 130 -19.58 42.38 -7.89
N ALA D 131 -19.86 41.08 -7.70
CA ALA D 131 -19.52 40.06 -8.69
C ALA D 131 -20.31 40.30 -10.00
N CYS D 132 -21.62 40.52 -9.88
CA CYS D 132 -22.39 40.91 -11.08
C CYS D 132 -21.78 42.12 -11.80
N LEU D 133 -21.44 43.16 -11.08
CA LEU D 133 -20.65 44.24 -11.69
C LEU D 133 -19.43 43.70 -12.43
N GLY D 134 -18.65 42.86 -11.75
CA GLY D 134 -17.49 42.23 -12.37
C GLY D 134 -17.81 41.54 -13.68
N MSE D 135 -18.79 40.65 -13.66
CA MSE D 135 -19.23 40.00 -14.87
C MSE D 135 -19.60 40.99 -16.00
O MSE D 135 -19.16 40.82 -17.14
CB MSE D 135 -20.36 39.01 -14.59
CG MSE D 135 -20.01 37.87 -13.65
SE MSE D 135 -21.64 37.09 -12.88
CE MSE D 135 -20.97 36.26 -11.24
N LEU D 136 -20.43 42.01 -15.70
CA LEU D 136 -20.88 42.95 -16.75
C LEU D 136 -19.70 43.73 -17.32
N SER D 137 -18.76 44.07 -16.45
CA SER D 137 -17.57 44.77 -16.88
C SER D 137 -16.75 43.93 -17.88
N LEU D 138 -16.73 42.61 -17.67
CA LEU D 138 -16.07 41.72 -18.57
C LEU D 138 -16.75 41.59 -19.95
N VAL D 139 -18.09 41.55 -20.00
CA VAL D 139 -18.73 41.30 -21.31
C VAL D 139 -18.97 42.51 -22.16
N GLY D 140 -18.92 43.68 -21.52
CA GLY D 140 -19.31 44.94 -22.15
C GLY D 140 -20.71 44.86 -22.70
N SER D 141 -20.84 44.72 -24.00
CA SER D 141 -22.17 44.57 -24.61
C SER D 141 -22.56 43.09 -24.82
N GLY D 142 -21.79 42.20 -24.20
CA GLY D 142 -22.04 40.77 -24.27
C GLY D 142 -23.09 40.26 -23.29
N THR D 143 -23.05 38.96 -23.02
CA THR D 143 -24.13 38.27 -22.34
C THR D 143 -23.56 37.51 -21.15
N VAL D 144 -24.12 37.76 -19.97
CA VAL D 144 -23.72 37.07 -18.76
C VAL D 144 -24.74 35.97 -18.47
N ARG D 145 -24.24 34.78 -18.11
CA ARG D 145 -25.09 33.70 -17.63
C ARG D 145 -24.57 33.11 -16.33
N ALA D 146 -25.41 33.20 -15.28
CA ALA D 146 -25.05 32.75 -13.94
C ALA D 146 -26.15 31.89 -13.46
N SER D 147 -25.80 30.73 -12.95
CA SER D 147 -26.83 29.89 -12.37
C SER D 147 -26.76 30.02 -10.87
N VAL D 148 -27.87 29.73 -10.23
CA VAL D 148 -27.92 29.89 -8.80
C VAL D 148 -28.77 28.77 -8.24
N LYS D 149 -28.26 28.06 -7.26
CA LYS D 149 -29.09 27.13 -6.50
C LYS D 149 -29.99 27.98 -5.58
N LEU D 150 -31.31 27.76 -5.68
CA LEU D 150 -32.24 28.55 -4.86
C LEU D 150 -32.73 27.77 -3.65
N GLY D 151 -33.10 28.50 -2.59
CA GLY D 151 -33.59 27.87 -1.39
C GLY D 151 -32.45 27.44 -0.49
N PHE D 152 -32.77 26.61 0.50
CA PHE D 152 -31.77 26.09 1.39
C PHE D 152 -31.17 24.82 0.84
N TYR D 153 -29.98 24.49 1.31
CA TYR D 153 -29.41 23.18 1.01
C TYR D 153 -29.80 22.16 2.07
N ASP D 154 -29.54 20.90 1.79
CA ASP D 154 -29.83 19.87 2.79
C ASP D 154 -29.05 20.16 4.08
N ILE D 155 -27.80 20.55 3.94
CA ILE D 155 -27.05 20.83 5.14
C ILE D 155 -27.67 21.97 5.94
N ASP D 156 -28.17 22.98 5.27
CA ASP D 156 -28.80 24.10 5.97
C ASP D 156 -29.95 23.66 6.89
N LEU D 157 -30.82 22.74 6.44
CA LEU D 157 -31.94 22.32 7.25
C LEU D 157 -31.47 21.76 8.60
N LYS D 158 -30.50 20.85 8.53
CA LYS D 158 -29.85 20.31 9.73
C LYS D 158 -29.19 21.41 10.57
N LEU D 159 -28.34 22.23 9.95
CA LEU D 159 -27.74 23.40 10.60
C LEU D 159 -28.75 24.24 11.38
N ILE D 160 -29.98 24.30 10.87
CA ILE D 160 -31.04 25.08 11.48
C ILE D 160 -31.72 24.28 12.60
N GLU D 161 -32.04 23.02 12.32
CA GLU D 161 -32.63 22.12 13.29
C GLU D 161 -31.75 21.95 14.52
N TYR D 162 -30.48 21.58 14.29
CA TYR D 162 -29.49 21.37 15.35
C TYR D 162 -29.09 22.66 16.05
N GLY D 163 -29.30 23.79 15.38
CA GLY D 163 -28.99 25.08 15.96
C GLY D 163 -30.04 25.46 16.97
N GLU D 164 -31.28 25.08 16.65
CA GLU D 164 -32.44 25.30 17.51
C GLU D 164 -32.35 24.44 18.76
N GLN D 165 -31.92 23.19 18.58
CA GLN D 165 -31.73 22.23 19.68
C GLN D 165 -30.58 22.60 20.63
N SER D 166 -29.95 23.75 20.42
CA SER D 166 -28.90 24.22 21.33
C SER D 166 -28.90 25.75 21.51
N GLY D 167 -29.96 26.40 21.04
CA GLY D 167 -30.10 27.84 21.17
C GLY D 167 -28.87 28.61 20.71
N THR D 168 -28.25 28.15 19.62
CA THR D 168 -27.11 28.85 19.05
C THR D 168 -27.39 29.38 17.66
N LEU D 169 -28.59 29.13 17.14
CA LEU D 169 -28.83 29.48 15.77
C LEU D 169 -28.55 30.94 15.51
N ALA D 170 -28.88 31.81 16.46
CA ALA D 170 -28.66 33.27 16.26
C ALA D 170 -27.18 33.62 16.07
N LYS D 171 -26.30 32.69 16.45
CA LYS D 171 -24.86 32.94 16.46
C LYS D 171 -24.21 32.80 15.09
N PHE D 172 -24.82 32.02 14.22
CA PHE D 172 -24.23 31.73 12.93
C PHE D 172 -25.22 31.81 11.73
N PHE D 173 -26.39 32.41 11.96
CA PHE D 173 -27.40 32.51 10.93
C PHE D 173 -28.19 33.80 11.06
N ASP D 174 -28.13 34.64 10.04
CA ASP D 174 -28.93 35.88 10.00
C ASP D 174 -30.19 35.77 9.10
N PRO D 175 -31.39 35.70 9.71
CA PRO D 175 -32.66 35.52 8.99
C PRO D 175 -33.06 36.65 8.06
N SER D 176 -32.51 37.84 8.28
CA SER D 176 -32.85 38.96 7.42
C SER D 176 -32.44 38.71 5.97
N ASP D 177 -31.40 37.89 5.81
CA ASP D 177 -30.70 37.71 4.55
C ASP D 177 -30.72 36.27 4.15
N LYS D 178 -30.96 35.43 5.13
CA LYS D 178 -30.65 34.02 5.09
C LYS D 178 -29.15 33.82 4.84
N THR D 179 -28.32 34.52 5.61
CA THR D 179 -26.88 34.30 5.56
C THR D 179 -26.32 33.34 6.64
N PHE D 180 -25.40 32.46 6.21
CA PHE D 180 -24.81 31.51 7.13
C PHE D 180 -23.33 31.81 7.37
N HIS D 181 -22.91 31.73 8.62
CA HIS D 181 -21.51 31.78 8.99
C HIS D 181 -21.07 30.41 9.53
N PHE D 182 -20.54 29.58 8.63
CA PHE D 182 -20.30 28.16 8.94
C PHE D 182 -19.39 27.95 10.14
N ARG D 183 -18.41 28.85 10.29
CA ARG D 183 -17.43 28.75 11.37
C ARG D 183 -18.07 28.83 12.75
N GLU D 184 -18.93 29.83 12.91
CA GLU D 184 -19.59 30.15 14.17
C GLU D 184 -20.62 29.12 14.58
N ALA D 185 -20.81 28.10 13.76
CA ALA D 185 -21.73 27.06 14.15
C ALA D 185 -21.09 25.98 15.06
N GLY D 186 -19.77 26.05 15.23
CA GLY D 186 -19.04 25.14 16.09
C GLY D 186 -19.26 23.70 15.68
N ASP D 187 -19.60 22.83 16.61
CA ASP D 187 -19.73 21.44 16.21
C ASP D 187 -21.13 21.10 15.67
N VAL D 188 -22.06 22.06 15.79
CA VAL D 188 -23.32 21.95 15.08
C VAL D 188 -22.99 21.70 13.60
N LEU D 189 -21.95 22.38 13.11
CA LEU D 189 -21.43 22.12 11.79
C LEU D 189 -21.05 20.66 11.61
N ASP D 190 -20.34 20.04 12.57
CA ASP D 190 -19.94 18.61 12.41
C ASP D 190 -21.12 17.62 12.40
N ARG D 191 -22.15 17.91 13.20
CA ARG D 191 -23.31 17.03 13.31
C ARG D 191 -24.12 17.10 12.03
N ALA D 192 -24.01 18.22 11.32
CA ALA D 192 -24.84 18.47 10.16
C ALA D 192 -24.19 17.91 8.89
N LEU D 193 -22.87 17.90 8.87
CA LEU D 193 -22.13 17.66 7.64
C LEU D 193 -22.60 16.39 6.94
N VAL D 194 -22.64 16.42 5.62
CA VAL D 194 -23.12 15.29 4.83
C VAL D 194 -22.07 14.82 3.84
N PRO D 195 -22.02 13.52 3.59
CA PRO D 195 -20.98 12.92 2.76
C PRO D 195 -20.92 13.55 1.37
N HIS D 196 -19.88 14.35 1.13
CA HIS D 196 -19.70 14.98 -0.17
C HIS D 196 -18.81 14.14 -1.08
N GLY D 197 -19.28 12.95 -1.42
CA GLY D 197 -18.51 12.02 -2.22
C GLY D 197 -17.45 11.29 -1.42
N LEU D 198 -16.19 11.56 -1.73
CA LEU D 198 -15.08 10.78 -1.18
C LEU D 198 -14.00 11.69 -0.61
N ILE D 199 -14.25 13.00 -0.66
CA ILE D 199 -13.40 13.97 0.06
C ILE D 199 -13.53 13.75 1.59
N ASP D 200 -12.36 13.77 2.26
CA ASP D 200 -12.30 13.38 3.66
C ASP D 200 -13.04 14.36 4.53
N LYS D 201 -13.69 13.86 5.58
CA LYS D 201 -14.58 14.70 6.37
C LYS D 201 -13.88 15.97 6.91
N PRO D 202 -12.70 15.79 7.53
CA PRO D 202 -11.99 16.97 8.06
C PRO D 202 -11.70 18.00 6.98
N THR D 203 -11.32 17.57 5.77
CA THR D 203 -11.11 18.55 4.70
C THR D 203 -12.37 19.29 4.32
N LEU D 204 -13.49 18.59 4.20
CA LEU D 204 -14.78 19.27 4.04
C LEU D 204 -15.15 20.27 5.18
N LEU D 205 -14.94 19.90 6.44
CA LEU D 205 -15.27 20.83 7.52
C LEU D 205 -14.46 22.07 7.38
N GLU D 206 -13.16 21.92 7.13
CA GLU D 206 -12.29 23.08 7.00
C GLU D 206 -12.64 23.94 5.78
N TRP D 207 -13.00 23.26 4.71
CA TRP D 207 -13.44 23.94 3.53
C TRP D 207 -14.66 24.86 3.84
N TYR D 208 -15.63 24.36 4.60
CA TYR D 208 -16.85 25.08 4.94
C TYR D 208 -16.57 26.27 5.85
N ARG D 209 -15.72 26.05 6.84
CA ARG D 209 -15.30 27.08 7.76
C ARG D 209 -14.51 28.18 7.04
N ARG D 210 -13.63 27.77 6.14
CA ARG D 210 -12.83 28.71 5.35
C ARG D 210 -13.66 29.50 4.31
N ARG D 211 -14.86 29.00 4.01
CA ARG D 211 -15.82 29.65 3.10
C ARG D 211 -16.53 30.87 3.71
N GLY D 212 -16.40 31.03 5.02
CA GLY D 212 -16.97 32.18 5.71
C GLY D 212 -18.48 32.27 5.66
N LYS D 213 -18.96 33.41 5.18
CA LYS D 213 -20.39 33.70 5.13
C LYS D 213 -20.95 33.49 3.72
N GLU D 214 -22.05 32.74 3.63
CA GLU D 214 -22.74 32.55 2.35
C GLU D 214 -24.23 32.86 2.47
N THR D 215 -24.75 33.66 1.55
CA THR D 215 -26.19 33.93 1.51
C THR D 215 -26.98 32.83 0.75
N ARG D 216 -28.14 32.44 1.25
CA ARG D 216 -29.02 31.62 0.43
C ARG D 216 -30.08 32.47 -0.29
N PHE D 217 -30.28 32.18 -1.58
CA PHE D 217 -31.12 33.00 -2.45
C PHE D 217 -32.34 32.24 -2.92
N ASP D 218 -33.47 32.95 -2.90
CA ASP D 218 -34.72 32.55 -3.56
C ASP D 218 -34.82 33.30 -4.89
N ASP D 219 -35.66 32.81 -5.80
CA ASP D 219 -35.83 33.45 -7.12
C ASP D 219 -35.90 34.96 -6.99
N GLU D 220 -36.76 35.44 -6.07
N GLU D 220 -36.75 35.41 -6.06
CA GLU D 220 -36.95 36.88 -5.80
CA GLU D 220 -36.98 36.83 -5.81
C GLU D 220 -35.66 37.60 -5.44
C GLU D 220 -35.69 37.60 -5.42
N ASP D 221 -34.84 36.97 -4.60
CA ASP D 221 -33.59 37.58 -4.14
C ASP D 221 -32.55 37.76 -5.25
N VAL D 222 -32.52 36.81 -6.17
CA VAL D 222 -31.67 36.96 -7.34
C VAL D 222 -32.16 38.11 -8.19
N ARG D 223 -33.44 38.15 -8.52
CA ARG D 223 -34.00 39.30 -9.26
C ARG D 223 -33.74 40.63 -8.54
N ALA D 224 -33.95 40.65 -7.23
CA ALA D 224 -33.65 41.82 -6.43
C ALA D 224 -32.20 42.28 -6.59
N LEU D 225 -31.30 41.30 -6.57
CA LEU D 225 -29.89 41.52 -6.85
C LEU D 225 -29.65 42.25 -8.16
N LEU D 226 -30.37 41.83 -9.21
CA LEU D 226 -30.14 42.38 -10.54
C LEU D 226 -30.85 43.74 -10.78
N SER D 227 -31.83 44.08 -9.94
CA SER D 227 -32.49 45.38 -10.06
C SER D 227 -31.87 46.39 -9.09
N HIS D 228 -30.93 45.90 -8.28
CA HIS D 228 -30.33 46.68 -7.22
C HIS D 228 -29.51 47.84 -7.75
N ASP D 229 -29.50 48.92 -6.99
CA ASP D 229 -28.85 50.14 -7.42
C ASP D 229 -27.37 49.98 -7.61
N VAL D 230 -26.75 49.22 -6.72
CA VAL D 230 -25.30 48.99 -6.80
C VAL D 230 -24.89 48.36 -8.13
N VAL D 231 -25.58 47.28 -8.47
CA VAL D 231 -25.49 46.60 -9.76
C VAL D 231 -25.89 47.46 -11.01
N ASN D 232 -26.82 48.40 -10.84
CA ASN D 232 -27.26 49.27 -11.94
C ASN D 232 -26.61 50.67 -12.06
N ALA D 233 -25.72 50.96 -11.11
CA ALA D 233 -25.08 52.26 -10.99
C ALA D 233 -24.27 52.63 -12.22
N ARG D 234 -23.73 51.64 -12.93
CA ARG D 234 -22.93 51.96 -14.11
C ARG D 234 -23.61 51.66 -15.44
N GLY D 235 -24.94 51.57 -15.43
CA GLY D 235 -25.70 51.36 -16.64
C GLY D 235 -26.89 50.47 -16.31
N TYR D 236 -28.05 50.72 -16.90
CA TYR D 236 -29.21 49.88 -16.62
C TYR D 236 -28.93 48.42 -17.03
N VAL D 237 -29.23 47.50 -16.11
CA VAL D 237 -29.04 46.09 -16.34
C VAL D 237 -30.34 45.31 -16.58
N THR D 238 -30.40 44.62 -17.71
CA THR D 238 -31.58 43.91 -18.14
C THR D 238 -31.54 42.40 -17.85
N LEU D 239 -32.59 41.88 -17.24
CA LEU D 239 -32.71 40.44 -17.10
C LEU D 239 -33.47 39.81 -18.28
N GLU D 240 -32.78 39.02 -19.11
CA GLU D 240 -33.33 38.43 -20.33
C GLU D 240 -33.90 36.99 -20.21
N LYS D 241 -33.22 36.13 -19.47
CA LYS D 241 -33.74 34.80 -19.25
C LYS D 241 -33.68 34.45 -17.78
N ALA D 242 -34.59 33.58 -17.38
CA ALA D 242 -34.58 32.95 -16.10
C ALA D 242 -35.20 31.58 -16.37
N VAL D 243 -34.36 30.57 -16.49
CA VAL D 243 -34.76 29.28 -17.00
C VAL D 243 -34.46 28.20 -15.97
N GLU D 244 -35.38 27.24 -15.82
CA GLU D 244 -35.17 26.11 -14.93
C GLU D 244 -34.15 25.13 -15.51
N LEU D 245 -33.17 24.74 -14.71
CA LEU D 245 -32.19 23.75 -15.11
C LEU D 245 -32.69 22.33 -14.80
N PRO D 246 -32.48 21.42 -15.74
CA PRO D 246 -33.15 20.11 -15.71
C PRO D 246 -32.56 19.21 -14.64
N ASP D 247 -31.23 19.05 -14.63
CA ASP D 247 -30.57 18.11 -13.74
C ASP D 247 -30.50 18.67 -12.32
N ALA D 248 -29.87 19.84 -12.18
CA ALA D 248 -29.70 20.45 -10.87
C ALA D 248 -31.04 20.70 -10.19
N PRO D 249 -31.13 20.33 -8.92
CA PRO D 249 -32.36 20.51 -8.15
C PRO D 249 -32.55 21.97 -7.73
N ASN D 250 -33.67 22.56 -8.14
CA ASN D 250 -34.01 23.92 -7.73
C ASN D 250 -32.95 24.93 -8.17
N THR D 251 -32.41 24.74 -9.37
CA THR D 251 -31.39 25.61 -9.87
C THR D 251 -31.93 26.34 -11.07
N MSE D 252 -31.55 27.61 -11.16
CA MSE D 252 -32.06 28.55 -12.13
C MSE D 252 -30.85 29.17 -12.82
O MSE D 252 -29.84 29.57 -12.19
CB MSE D 252 -32.86 29.64 -11.39
CG MSE D 252 -33.66 30.57 -12.31
SE MSE D 252 -35.37 29.82 -12.91
CE MSE D 252 -36.43 30.44 -11.40
N LEU D 253 -30.96 29.26 -14.14
CA LEU D 253 -30.05 30.04 -14.93
C LEU D 253 -30.56 31.44 -15.29
N TYR D 254 -29.77 32.46 -14.98
CA TYR D 254 -30.08 33.85 -15.26
C TYR D 254 -29.17 34.44 -16.36
N GLN D 255 -29.78 34.97 -17.41
CA GLN D 255 -29.04 35.69 -18.44
C GLN D 255 -29.38 37.16 -18.36
N PHE D 256 -28.36 38.00 -18.28
CA PHE D 256 -28.56 39.45 -18.20
C PHE D 256 -27.48 40.20 -18.92
N SER D 257 -27.69 41.50 -19.12
CA SER D 257 -26.77 42.30 -19.93
C SER D 257 -26.95 43.76 -19.60
N ARG D 258 -26.07 44.56 -20.19
CA ARG D 258 -26.06 45.98 -19.99
C ARG D 258 -25.52 46.64 -21.25
N ARG D 259 -26.41 46.81 -22.22
CA ARG D 259 -26.13 47.64 -23.40
C ARG D 259 -26.60 49.09 -23.21
N ALA D 260 -26.01 49.98 -24.02
CA ALA D 260 -26.34 51.43 -24.04
C ALA D 260 -27.66 51.74 -24.79
N SAM E . 20.11 13.49 -5.70
CA SAM E . 20.62 12.89 -4.48
C SAM E . 22.05 12.45 -4.65
O SAM E . 22.69 12.58 -5.71
OXT SAM E . 22.58 11.98 -3.66
CB SAM E . 19.71 11.76 -3.99
CG SAM E . 18.35 11.66 -4.68
SD SAM E . 18.30 10.82 -6.30
CE SAM E . 20.05 10.51 -6.67
C5' SAM E . 17.74 12.13 -7.45
C4' SAM E . 18.11 12.02 -8.92
O4' SAM E . 17.49 10.88 -9.48
C3' SAM E . 17.63 13.19 -9.75
O3' SAM E . 18.61 13.44 -10.72
C2' SAM E . 16.38 12.67 -10.45
O2' SAM E . 16.25 13.23 -11.75
C1' SAM E . 16.64 11.18 -10.57
N9 SAM E . 15.40 10.41 -10.45
C8 SAM E . 14.43 10.57 -9.50
N7 SAM E . 13.43 9.69 -9.74
C5 SAM E . 13.74 8.94 -10.84
C6 SAM E . 13.08 7.90 -11.51
N6 SAM E . 11.88 7.44 -11.12
N1 SAM E . 13.67 7.36 -12.63
C2 SAM E . 14.89 7.86 -13.06
N3 SAM E . 15.56 8.86 -12.41
C4 SAM E . 14.99 9.40 -11.30
N SAM F . 20.37 -23.78 8.86
CA SAM F . 20.25 -25.06 8.15
C SAM F . 19.85 -24.96 6.67
O SAM F . 20.68 -24.78 5.76
OXT SAM F . 18.68 -25.06 6.29
CB SAM F . 19.37 -26.05 8.92
CG SAM F . 18.76 -25.59 10.25
SD SAM F . 17.84 -26.93 11.09
CE SAM F . 18.11 -28.29 9.92
C5' SAM F . 16.11 -26.37 10.92
C4' SAM F . 15.16 -27.26 10.14
O4' SAM F . 15.08 -28.55 10.74
C3' SAM F . 13.75 -26.64 10.13
O3' SAM F . 13.11 -26.90 8.91
C2' SAM F . 13.02 -27.42 11.19
O2' SAM F . 11.65 -27.54 10.85
C1' SAM F . 13.78 -28.78 11.25
N9 SAM F . 13.82 -29.34 12.62
C8 SAM F . 14.24 -28.69 13.77
N7 SAM F . 14.13 -29.57 14.79
C5 SAM F . 13.64 -30.75 14.32
C6 SAM F . 13.34 -31.93 14.95
N6 SAM F . 13.49 -32.07 16.28
N1 SAM F . 12.87 -32.98 14.22
C2 SAM F . 12.69 -32.82 12.87
N3 SAM F . 12.98 -31.63 12.25
C4 SAM F . 13.45 -30.61 12.97
CL CL G . 27.66 -16.23 13.18
CL CL H . 30.89 -43.18 2.13
N SAM I . -21.46 -11.62 4.10
CA SAM I . -21.13 -12.65 3.11
C SAM I . -22.34 -13.53 2.87
O SAM I . -23.36 -13.33 3.53
OXT SAM I . -22.31 -14.44 2.04
CB SAM I . -19.96 -13.54 3.55
CG SAM I . -18.52 -12.98 3.55
SD SAM I . -17.64 -13.02 1.96
CE SAM I . -18.96 -12.84 0.73
C5' SAM I . -17.08 -14.74 1.89
C4' SAM I . -17.28 -15.47 0.57
O4' SAM I . -16.43 -14.85 -0.38
C3' SAM I . -16.80 -16.89 0.67
O3' SAM I . -17.60 -17.63 -0.20
C2' SAM I . -15.39 -16.88 0.13
O2' SAM I . -15.05 -18.08 -0.53
C1' SAM I . -15.40 -15.72 -0.85
N9 SAM I . -14.11 -15.00 -1.02
C8 SAM I . -13.31 -14.46 -0.05
N7 SAM I . -12.23 -13.86 -0.60
C5 SAM I . -12.31 -14.00 -1.94
C6 SAM I . -11.48 -13.58 -2.97
N6 SAM I . -10.35 -12.91 -2.74
N1 SAM I . -11.83 -13.86 -4.26
C2 SAM I . -12.99 -14.56 -4.52
N3 SAM I . -13.81 -14.98 -3.49
C4 SAM I . -13.48 -14.71 -2.22
N SAM J . -19.10 24.13 -7.27
CA SAM J . -19.82 24.75 -8.38
C SAM J . -19.24 24.34 -9.76
O SAM J . -19.96 23.82 -10.61
OXT SAM J . -18.06 24.47 -10.06
CB SAM J . -19.95 26.27 -8.14
CG SAM J . -19.14 26.95 -7.01
SD SAM J . -18.00 28.28 -7.52
CE SAM J . -18.01 28.14 -9.34
C5' SAM J . -16.39 27.59 -7.06
C4' SAM J . -15.26 27.97 -8.01
O4' SAM J . -15.26 29.39 -8.14
C3' SAM J . -13.94 27.53 -7.42
O3' SAM J . -13.10 27.05 -8.46
C2' SAM J . -13.49 28.81 -6.72
O2' SAM J . -12.10 28.95 -6.53
C1' SAM J . -14.07 29.94 -7.59
N9 SAM J . -14.35 31.22 -6.89
C8 SAM J . -15.07 31.42 -5.74
N7 SAM J . -15.10 32.74 -5.48
C5 SAM J . -14.43 33.40 -6.46
C6 SAM J . -14.15 34.74 -6.66
N6 SAM J . -14.56 35.68 -5.78
N1 SAM J . -13.44 35.14 -7.77
C2 SAM J . -12.98 34.18 -8.62
N3 SAM J . -13.23 32.85 -8.40
C4 SAM J . -13.95 32.46 -7.33
CL CL K . -28.60 20.15 -1.61
CL CL L . -27.56 35.29 -27.06
#